data_7NOX
#
_entry.id   7NOX
#
_cell.length_a   87.842
_cell.length_b   88.437
_cell.length_c   156.148
_cell.angle_alpha   90.000
_cell.angle_beta   90.000
_cell.angle_gamma   90.000
#
_symmetry.space_group_name_H-M   'P 21 21 21'
#
loop_
_entity.id
_entity.type
_entity.pdbx_description
1 polymer 'Surface glycan-binding protein BO2743'
2 branched beta-D-glucopyranose-(1-4)-beta-D-glucopyranose-(1-3)-beta-D-glucopyranose-(1-4)-beta-D-glucopyranose-(1-4)-beta-D-glucopyranose-(1-3)-beta-D-glucopyranose-(1-4)-beta-D-glucopyranose-(1-4)-beta-D-glucopyranose-(1-3)-beta-D-glucopyranose
3 non-polymer 'MAGNESIUM ION'
4 non-polymer GLYCEROL
5 non-polymer 'TRIETHYLENE GLYCOL'
6 non-polymer 'SODIUM ION'
7 non-polymer 'AZIDE ION'
8 non-polymer TRIS(HYDROXYETHYL)AMINOMETHANE
9 water water
#
_entity_poly.entity_id   1
_entity_poly.type   'polypeptide(L)'
_entity_poly.pdbx_seq_one_letter_code
;MHHHHHHSSGVDNKFNKERRRARREIRHLPNLNREQRRAFIRSLRDDPSQSANLLAEAKKLNDAQPKGTENLYFQSMIDP
NAQLTTAQLQTYGDLSMMEIYRNYHYAFTQQLMGCWNTTNYGGRHTLDNNEMSRIWTSFYTQSLKNIIDAQYRTAEDAEK
VNINSVLRIYRVYLMSIITDTYGDAPFSEAGLGFLEGKFNPKYDKQEDIYNAFFLELEDAVNKIDPTKDKVTGDLIYAGD
VTKWQQLANSLRLRFAMRISSVNPTKAQTEFENALAANGGVITDASSDALIKYMTIAFSFGQEAYSDYRGNSLSQLLFGN
DPANNPSYLCSTFFNQLYNSGDPRTFKISRCYYDGLMSATSPDNRVDITQEMIEKGIAFSPRDPGAYSWEPWPTGYDSDI
CAELAVNNPSVTATMAREVEPKLANNFLKSDNPGVVMTSAEVKFLMAEATVKKWNVGSVSAEDLYKQGVRAAIDFLTDNY
GCTATTDAEFDAFIQDKGAFGHTDNQKLEAINTQAWILHFTNPAECWANVRRSGYPKLKSPAEYGFGQYLTGGTEIPVRL
CYPVLESSYNKKSYNEAIERMGGTDNWHSLLWWDTENQ
;
_entity_poly.pdbx_strand_id   A,B
#
# COMPACT_ATOMS: atom_id res chain seq x y z
N ILE A 78 -41.97 17.18 8.07
CA ILE A 78 -43.31 17.42 8.61
C ILE A 78 -44.21 18.10 7.57
N ASP A 79 -43.72 19.11 6.90
CA ASP A 79 -44.40 19.65 5.75
C ASP A 79 -44.10 18.76 4.54
N PRO A 80 -45.10 18.39 3.74
CA PRO A 80 -44.84 17.54 2.55
C PRO A 80 -43.84 18.13 1.59
N ASN A 81 -43.85 19.44 1.37
CA ASN A 81 -42.83 20.03 0.52
C ASN A 81 -41.43 19.81 1.09
N ALA A 82 -41.28 19.86 2.40
CA ALA A 82 -39.99 19.63 3.01
C ALA A 82 -39.58 18.15 2.89
N GLN A 83 -40.55 17.24 2.98
CA GLN A 83 -40.22 15.83 2.83
CA GLN A 83 -40.26 15.83 2.81
C GLN A 83 -39.71 15.55 1.42
N LEU A 84 -40.26 16.23 0.40
CA LEU A 84 -39.72 16.10 -0.97
C LEU A 84 -38.25 16.48 -1.02
N THR A 85 -37.88 17.61 -0.42
CA THR A 85 -36.49 18.04 -0.45
C THR A 85 -35.58 16.98 0.13
N THR A 86 -35.92 16.48 1.31
CA THR A 86 -35.06 15.51 1.98
C THR A 86 -34.93 14.24 1.15
N ALA A 87 -36.04 13.79 0.55
CA ALA A 87 -36.00 12.57 -0.24
C ALA A 87 -35.14 12.75 -1.48
N GLN A 88 -35.25 13.90 -2.16
CA GLN A 88 -34.35 14.17 -3.27
C GLN A 88 -32.91 14.18 -2.82
N LEU A 89 -32.59 14.94 -1.76
CA LEU A 89 -31.20 14.98 -1.30
C LEU A 89 -30.68 13.58 -0.99
N GLN A 90 -31.51 12.72 -0.37
CA GLN A 90 -31.03 11.42 0.06
CA GLN A 90 -31.06 11.38 0.05
C GLN A 90 -30.68 10.52 -1.14
N THR A 91 -31.27 10.79 -2.31
CA THR A 91 -31.11 9.91 -3.48
C THR A 91 -29.66 9.70 -3.87
N TYR A 92 -28.85 10.76 -3.91
CA TYR A 92 -27.40 10.58 -4.06
C TYR A 92 -26.62 11.15 -2.88
N GLY A 93 -27.31 11.68 -1.86
CA GLY A 93 -26.60 12.36 -0.78
C GLY A 93 -26.28 11.47 0.38
N ASP A 94 -26.82 10.25 0.39
CA ASP A 94 -26.63 9.34 1.51
C ASP A 94 -25.34 8.56 1.31
N LEU A 95 -24.34 8.92 2.12
CA LEU A 95 -22.99 8.40 1.96
C LEU A 95 -22.94 6.90 2.23
N SER A 96 -23.78 6.40 3.13
CA SER A 96 -23.83 4.96 3.36
C SER A 96 -24.40 4.25 2.13
N MET A 97 -25.49 4.77 1.57
CA MET A 97 -26.12 4.01 0.51
C MET A 97 -25.27 4.02 -0.75
N MET A 98 -24.51 5.12 -1.00
CA MET A 98 -23.81 5.18 -2.28
C MET A 98 -22.69 4.14 -2.39
N GLU A 99 -22.27 3.55 -1.28
CA GLU A 99 -21.29 2.46 -1.34
C GLU A 99 -21.73 1.35 -2.29
N ILE A 100 -23.05 1.14 -2.41
CA ILE A 100 -23.51 0.02 -3.25
C ILE A 100 -23.06 0.21 -4.69
N TYR A 101 -23.09 1.46 -5.18
CA TYR A 101 -22.76 1.71 -6.57
C TYR A 101 -21.27 1.56 -6.80
N ARG A 102 -20.45 2.07 -5.88
CA ARG A 102 -19.01 1.88 -6.05
C ARG A 102 -18.63 0.43 -5.92
N ASN A 103 -19.33 -0.31 -5.04
CA ASN A 103 -18.97 -1.70 -4.78
C ASN A 103 -19.45 -2.64 -5.89
N TYR A 104 -20.70 -2.49 -6.33
CA TYR A 104 -21.32 -3.43 -7.26
C TYR A 104 -21.54 -2.82 -8.63
N HIS A 105 -22.47 -1.86 -8.76
CA HIS A 105 -22.90 -1.39 -10.07
C HIS A 105 -21.75 -1.06 -11.01
N TYR A 106 -20.81 -0.19 -10.56
CA TYR A 106 -19.76 0.29 -11.49
C TYR A 106 -18.88 -0.83 -11.98
N ALA A 107 -18.78 -1.92 -11.21
CA ALA A 107 -18.07 -3.12 -11.70
C ALA A 107 -18.94 -3.93 -12.66
N PHE A 108 -20.23 -4.14 -12.32
CA PHE A 108 -21.09 -4.93 -13.18
C PHE A 108 -21.26 -4.28 -14.55
N THR A 109 -21.26 -2.95 -14.63
CA THR A 109 -21.33 -2.30 -15.92
C THR A 109 -19.95 -2.06 -16.56
N GLN A 110 -18.89 -2.46 -15.85
CA GLN A 110 -17.52 -2.46 -16.38
C GLN A 110 -17.10 -1.05 -16.78
N GLN A 111 -17.46 -0.06 -15.91
CA GLN A 111 -17.01 1.30 -16.08
C GLN A 111 -15.87 1.64 -15.13
N LEU A 112 -15.89 1.14 -13.90
CA LEU A 112 -14.77 1.36 -12.96
C LEU A 112 -14.28 0.00 -12.52
N MET A 113 -12.96 -0.10 -12.33
CA MET A 113 -12.30 -1.33 -11.91
C MET A 113 -10.93 -0.95 -11.43
N GLY A 114 -10.54 -1.56 -10.27
CA GLY A 114 -9.17 -1.39 -9.79
C GLY A 114 -9.10 -0.89 -8.35
N CYS A 115 -9.97 0.06 -8.01
CA CYS A 115 -10.23 0.40 -6.60
C CYS A 115 -10.56 -0.87 -5.81
N TRP A 116 -9.96 -1.02 -4.61
CA TRP A 116 -10.20 -2.26 -3.86
C TRP A 116 -11.69 -2.61 -3.76
N ASN A 117 -12.52 -1.62 -3.40
CA ASN A 117 -13.92 -1.94 -3.09
C ASN A 117 -14.64 -2.44 -4.35
N THR A 118 -14.41 -1.76 -5.46
CA THR A 118 -15.08 -2.09 -6.71
C THR A 118 -14.65 -3.47 -7.21
N THR A 119 -13.33 -3.73 -7.21
CA THR A 119 -12.86 -5.04 -7.67
C THR A 119 -13.24 -6.17 -6.71
N ASN A 120 -13.11 -5.94 -5.40
CA ASN A 120 -13.39 -7.02 -4.45
C ASN A 120 -14.85 -7.46 -4.50
N TYR A 121 -15.79 -6.51 -4.53
CA TYR A 121 -17.21 -6.89 -4.47
C TYR A 121 -17.74 -7.20 -5.86
N GLY A 122 -17.92 -6.16 -6.68
CA GLY A 122 -18.52 -6.43 -7.98
C GLY A 122 -17.57 -7.07 -8.98
N GLY A 123 -16.28 -6.73 -8.90
CA GLY A 123 -15.33 -7.23 -9.89
C GLY A 123 -14.97 -8.67 -9.70
N ARG A 124 -15.12 -9.21 -8.50
CA ARG A 124 -14.79 -10.62 -8.21
C ARG A 124 -15.98 -11.39 -7.64
N HIS A 125 -17.18 -10.83 -7.81
CA HIS A 125 -18.42 -11.51 -7.44
C HIS A 125 -18.41 -11.99 -5.99
N THR A 126 -18.03 -11.07 -5.08
CA THR A 126 -18.10 -11.32 -3.63
C THR A 126 -19.48 -10.87 -3.15
N LEU A 127 -20.33 -11.83 -2.83
CA LEU A 127 -21.65 -11.55 -2.34
C LEU A 127 -21.55 -11.20 -0.87
N ASP A 128 -22.19 -10.10 -0.48
CA ASP A 128 -22.20 -9.66 0.91
C ASP A 128 -23.57 -9.04 1.17
N ASN A 129 -24.37 -9.69 2.02
CA ASN A 129 -25.75 -9.22 2.17
C ASN A 129 -25.84 -7.79 2.73
N ASN A 130 -24.94 -7.42 3.64
CA ASN A 130 -24.94 -6.05 4.12
C ASN A 130 -24.73 -5.06 2.98
N GLU A 131 -23.78 -5.34 2.10
CA GLU A 131 -23.55 -4.44 0.97
C GLU A 131 -24.73 -4.44 0.01
N MET A 132 -25.32 -5.61 -0.25
CA MET A 132 -26.43 -5.64 -1.19
C MET A 132 -27.67 -4.96 -0.65
N SER A 133 -27.79 -4.84 0.69
CA SER A 133 -29.01 -4.36 1.31
CA SER A 133 -29.02 -4.36 1.31
C SER A 133 -29.16 -2.84 1.31
N ARG A 134 -28.14 -2.09 0.87
CA ARG A 134 -28.10 -0.65 1.14
C ARG A 134 -29.27 0.09 0.50
N ILE A 135 -29.66 -0.25 -0.72
CA ILE A 135 -30.74 0.50 -1.35
C ILE A 135 -32.05 0.22 -0.63
N TRP A 136 -32.33 -1.07 -0.39
CA TRP A 136 -33.55 -1.42 0.32
C TRP A 136 -33.68 -0.71 1.65
N THR A 137 -32.66 -0.87 2.51
CA THR A 137 -32.70 -0.29 3.85
C THR A 137 -32.80 1.23 3.80
N SER A 138 -31.98 1.87 2.97
CA SER A 138 -31.99 3.34 2.93
C SER A 138 -33.33 3.86 2.46
N PHE A 139 -33.85 3.31 1.36
CA PHE A 139 -35.10 3.87 0.82
C PHE A 139 -36.29 3.54 1.71
N TYR A 140 -36.39 2.31 2.19
CA TYR A 140 -37.60 1.96 2.93
C TYR A 140 -37.62 2.58 4.32
N THR A 141 -36.47 2.98 4.87
CA THR A 141 -36.45 3.66 6.17
C THR A 141 -36.45 5.16 6.05
N GLN A 142 -36.11 5.72 4.89
CA GLN A 142 -35.98 7.16 4.77
C GLN A 142 -36.80 7.66 3.58
N SER A 143 -36.16 7.84 2.42
CA SER A 143 -36.73 8.65 1.35
C SER A 143 -38.07 8.09 0.84
N LEU A 144 -38.13 6.79 0.49
CA LEU A 144 -39.42 6.27 0.03
C LEU A 144 -40.47 6.29 1.12
N LYS A 145 -40.09 5.92 2.35
CA LYS A 145 -41.03 6.00 3.47
C LYS A 145 -41.61 7.40 3.60
N ASN A 146 -40.74 8.41 3.57
CA ASN A 146 -41.19 9.78 3.79
C ASN A 146 -41.99 10.28 2.61
N ILE A 147 -41.59 9.94 1.38
CA ILE A 147 -42.41 10.26 0.20
C ILE A 147 -43.81 9.66 0.34
N ILE A 148 -43.89 8.40 0.79
CA ILE A 148 -45.19 7.75 0.97
C ILE A 148 -46.03 8.47 2.02
N ASP A 149 -45.42 8.83 3.16
CA ASP A 149 -46.13 9.62 4.18
C ASP A 149 -46.68 10.92 3.59
N ALA A 150 -45.84 11.67 2.88
CA ALA A 150 -46.26 12.95 2.34
C ALA A 150 -47.34 12.76 1.29
N GLN A 151 -47.25 11.69 0.50
CA GLN A 151 -48.26 11.48 -0.53
C GLN A 151 -49.60 11.21 0.12
N TYR A 152 -49.61 10.39 1.18
CA TYR A 152 -50.86 10.10 1.85
CA TYR A 152 -50.85 10.10 1.90
C TYR A 152 -51.46 11.37 2.47
N ARG A 153 -50.60 12.26 2.99
CA ARG A 153 -51.10 13.46 3.65
C ARG A 153 -51.65 14.49 2.68
N THR A 154 -51.31 14.40 1.40
CA THR A 154 -51.74 15.34 0.39
C THR A 154 -52.73 14.73 -0.59
N ALA A 155 -53.08 13.46 -0.43
CA ALA A 155 -53.95 12.79 -1.39
C ALA A 155 -55.38 13.32 -1.34
N GLU A 156 -56.07 13.24 -2.48
CA GLU A 156 -57.52 13.54 -2.54
C GLU A 156 -57.83 14.94 -2.03
N ASP A 157 -56.97 15.88 -2.32
CA ASP A 157 -57.14 17.26 -1.86
C ASP A 157 -56.86 18.17 -3.03
N ALA A 158 -57.93 18.80 -3.56
CA ALA A 158 -57.82 19.62 -4.75
C ALA A 158 -56.85 20.79 -4.57
N GLU A 159 -56.63 21.26 -3.34
CA GLU A 159 -55.73 22.39 -3.10
C GLU A 159 -54.27 21.97 -2.95
N LYS A 160 -53.98 20.67 -3.04
CA LYS A 160 -52.61 20.17 -2.91
C LYS A 160 -52.25 19.29 -4.11
N VAL A 161 -52.94 19.47 -5.24
CA VAL A 161 -52.77 18.55 -6.37
C VAL A 161 -51.35 18.58 -6.90
N ASN A 162 -50.68 19.72 -6.86
CA ASN A 162 -49.35 19.75 -7.46
C ASN A 162 -48.33 19.04 -6.58
N ILE A 163 -48.26 19.38 -5.29
CA ILE A 163 -47.31 18.64 -4.45
C ILE A 163 -47.64 17.15 -4.44
N ASN A 164 -48.93 16.82 -4.37
CA ASN A 164 -49.31 15.40 -4.39
C ASN A 164 -48.82 14.70 -5.66
N SER A 165 -49.02 15.33 -6.82
CA SER A 165 -48.63 14.72 -8.09
C SER A 165 -47.11 14.56 -8.17
N VAL A 166 -46.38 15.59 -7.75
CA VAL A 166 -44.92 15.52 -7.73
C VAL A 166 -44.45 14.38 -6.83
N LEU A 167 -45.04 14.28 -5.63
CA LEU A 167 -44.71 13.18 -4.73
C LEU A 167 -44.99 11.84 -5.40
N ARG A 168 -46.09 11.74 -6.16
CA ARG A 168 -46.38 10.44 -6.80
C ARG A 168 -45.33 10.12 -7.87
N ILE A 169 -44.90 11.13 -8.61
CA ILE A 169 -43.88 10.88 -9.62
C ILE A 169 -42.58 10.45 -8.96
N TYR A 170 -42.16 11.16 -7.89
CA TYR A 170 -40.90 10.80 -7.24
C TYR A 170 -41.00 9.43 -6.58
N ARG A 171 -42.20 9.08 -6.08
CA ARG A 171 -42.42 7.76 -5.50
C ARG A 171 -42.16 6.68 -6.53
N VAL A 172 -42.69 6.85 -7.74
CA VAL A 172 -42.42 5.89 -8.81
C VAL A 172 -40.92 5.80 -9.11
N TYR A 173 -40.26 6.97 -9.20
CA TYR A 173 -38.83 6.94 -9.49
C TYR A 173 -38.07 6.14 -8.43
N LEU A 174 -38.27 6.44 -7.14
CA LEU A 174 -37.52 5.71 -6.10
C LEU A 174 -37.87 4.22 -6.14
N MET A 175 -39.16 3.90 -6.34
CA MET A 175 -39.57 2.50 -6.42
C MET A 175 -38.93 1.79 -7.59
N SER A 176 -38.74 2.49 -8.71
CA SER A 176 -38.12 1.85 -9.87
C SER A 176 -36.69 1.38 -9.53
N ILE A 177 -35.96 2.18 -8.75
CA ILE A 177 -34.63 1.75 -8.36
C ILE A 177 -34.71 0.48 -7.52
N ILE A 178 -35.64 0.43 -6.53
CA ILE A 178 -35.78 -0.79 -5.71
C ILE A 178 -36.08 -2.01 -6.61
N THR A 179 -37.14 -1.92 -7.44
CA THR A 179 -37.52 -3.14 -8.15
C THR A 179 -36.48 -3.53 -9.20
N ASP A 180 -35.78 -2.56 -9.78
CA ASP A 180 -34.75 -2.87 -10.78
C ASP A 180 -33.51 -3.44 -10.12
N THR A 181 -33.40 -3.36 -8.79
CA THR A 181 -32.29 -3.99 -8.08
C THR A 181 -32.67 -5.38 -7.59
N TYR A 182 -33.84 -5.51 -6.93
CA TYR A 182 -34.19 -6.74 -6.20
C TYR A 182 -35.28 -7.59 -6.82
N GLY A 183 -36.16 -7.03 -7.65
CA GLY A 183 -37.28 -7.77 -8.22
C GLY A 183 -38.57 -7.40 -7.51
N ASP A 184 -39.35 -8.42 -7.11
CA ASP A 184 -40.59 -8.12 -6.38
C ASP A 184 -40.26 -7.41 -5.07
N ALA A 185 -41.11 -6.47 -4.65
CA ALA A 185 -40.79 -5.68 -3.46
C ALA A 185 -42.06 -4.97 -2.99
N PRO A 186 -42.10 -4.58 -1.72
CA PRO A 186 -43.27 -3.82 -1.23
C PRO A 186 -43.44 -2.52 -1.98
N PHE A 187 -44.69 -2.22 -2.36
CA PHE A 187 -44.99 -0.98 -3.06
C PHE A 187 -46.38 -0.53 -2.60
N SER A 188 -47.43 -1.22 -3.04
CA SER A 188 -48.79 -0.87 -2.63
C SER A 188 -48.94 -0.87 -1.11
N GLU A 189 -48.25 -1.76 -0.42
CA GLU A 189 -48.36 -1.85 1.02
C GLU A 189 -47.16 -1.24 1.76
N ALA A 190 -46.22 -0.61 1.05
CA ALA A 190 -45.06 -0.05 1.71
C ALA A 190 -45.40 1.22 2.48
N GLY A 191 -44.62 1.47 3.54
CA GLY A 191 -44.66 2.75 4.25
C GLY A 191 -45.90 3.00 5.08
N LEU A 192 -46.57 1.94 5.44
CA LEU A 192 -47.75 2.13 6.30
C LEU A 192 -47.13 1.95 7.69
N GLY A 193 -47.83 1.41 8.64
CA GLY A 193 -47.10 1.36 9.93
C GLY A 193 -47.48 2.60 10.69
N PHE A 194 -47.47 3.76 10.04
CA PHE A 194 -48.04 4.97 10.67
C PHE A 194 -49.55 4.75 10.89
N LEU A 195 -50.18 3.90 10.05
CA LEU A 195 -51.63 3.65 10.13
C LEU A 195 -51.91 2.92 11.43
N GLU A 196 -51.32 1.75 11.58
CA GLU A 196 -51.65 0.92 12.75
C GLU A 196 -50.68 -0.24 12.75
N GLY A 197 -51.18 -1.44 13.00
CA GLY A 197 -50.34 -2.64 12.94
C GLY A 197 -50.14 -3.05 11.50
N LYS A 198 -50.15 -2.09 10.57
CA LYS A 198 -49.89 -2.38 9.13
C LYS A 198 -48.39 -2.54 8.92
N PHE A 199 -47.80 -3.47 9.64
CA PHE A 199 -46.39 -3.80 9.39
C PHE A 199 -46.46 -5.10 8.60
N ASN A 200 -45.31 -5.61 8.18
CA ASN A 200 -45.27 -6.86 7.36
C ASN A 200 -45.89 -6.67 5.97
N PRO A 201 -45.39 -5.75 5.12
CA PRO A 201 -45.99 -5.60 3.82
C PRO A 201 -45.72 -6.72 2.80
N LYS A 202 -46.70 -7.01 1.95
CA LYS A 202 -46.48 -7.96 0.86
C LYS A 202 -45.56 -7.38 -0.22
N TYR A 203 -44.86 -8.26 -0.92
CA TYR A 203 -44.03 -7.88 -2.05
C TYR A 203 -44.88 -7.93 -3.32
N ASP A 204 -45.08 -6.76 -3.96
CA ASP A 204 -45.79 -6.76 -5.23
C ASP A 204 -44.91 -7.38 -6.32
N LYS A 205 -45.54 -8.07 -7.27
CA LYS A 205 -44.80 -8.65 -8.38
C LYS A 205 -44.22 -7.53 -9.26
N GLN A 206 -42.98 -7.72 -9.74
CA GLN A 206 -42.35 -6.70 -10.58
C GLN A 206 -43.24 -6.30 -11.77
N GLU A 207 -43.86 -7.29 -12.45
CA GLU A 207 -44.70 -6.98 -13.60
C GLU A 207 -45.80 -6.01 -13.20
N ASP A 208 -46.38 -6.20 -12.01
CA ASP A 208 -47.47 -5.35 -11.51
C ASP A 208 -46.95 -3.99 -11.08
N ILE A 209 -45.75 -3.95 -10.50
CA ILE A 209 -45.13 -2.69 -10.11
C ILE A 209 -44.97 -1.82 -11.34
N TYR A 210 -44.49 -2.43 -12.44
CA TYR A 210 -44.32 -1.67 -13.69
C TYR A 210 -45.70 -1.20 -14.21
N ASN A 211 -46.72 -2.07 -14.16
CA ASN A 211 -48.06 -1.60 -14.58
C ASN A 211 -48.49 -0.39 -13.76
N ALA A 212 -48.24 -0.42 -12.44
CA ALA A 212 -48.61 0.69 -11.57
C ALA A 212 -47.84 1.94 -11.92
N PHE A 213 -46.57 1.79 -12.31
CA PHE A 213 -45.78 2.96 -12.70
C PHE A 213 -46.50 3.72 -13.81
N PHE A 214 -46.93 3.00 -14.86
CA PHE A 214 -47.57 3.69 -15.99
C PHE A 214 -48.84 4.38 -15.52
N LEU A 215 -49.63 3.73 -14.67
CA LEU A 215 -50.89 4.33 -14.21
C LEU A 215 -50.64 5.56 -13.34
N GLU A 216 -49.67 5.48 -12.42
CA GLU A 216 -49.38 6.57 -11.50
C GLU A 216 -48.87 7.77 -12.27
N LEU A 217 -47.89 7.54 -13.17
CA LEU A 217 -47.31 8.65 -13.93
C LEU A 217 -48.36 9.30 -14.82
N GLU A 218 -49.20 8.49 -15.48
CA GLU A 218 -50.26 9.04 -16.31
C GLU A 218 -51.19 9.92 -15.48
N ASP A 219 -51.62 9.43 -14.32
CA ASP A 219 -52.58 10.20 -13.52
C ASP A 219 -51.94 11.46 -12.97
N ALA A 220 -50.70 11.38 -12.49
CA ALA A 220 -50.04 12.58 -11.99
C ALA A 220 -49.92 13.65 -13.08
N VAL A 221 -49.63 13.24 -14.32
CA VAL A 221 -49.55 14.20 -15.42
C VAL A 221 -50.90 14.90 -15.61
N ASN A 222 -51.99 14.15 -15.40
CA ASN A 222 -53.30 14.71 -15.69
C ASN A 222 -53.85 15.54 -14.54
N LYS A 223 -53.35 15.33 -13.33
CA LYS A 223 -53.76 16.09 -12.16
C LYS A 223 -52.98 17.38 -11.98
N ILE A 224 -51.74 17.46 -12.49
CA ILE A 224 -50.94 18.67 -12.36
C ILE A 224 -51.67 19.87 -12.97
N ASP A 225 -51.57 21.01 -12.29
CA ASP A 225 -52.29 22.23 -12.70
C ASP A 225 -51.50 23.44 -12.26
N PRO A 226 -50.78 24.10 -13.18
CA PRO A 226 -49.93 25.24 -12.77
C PRO A 226 -50.66 26.42 -12.16
N THR A 227 -51.98 26.41 -12.10
CA THR A 227 -52.66 27.49 -11.40
C THR A 227 -52.91 27.18 -9.93
N LYS A 228 -52.56 25.99 -9.44
CA LYS A 228 -52.91 25.58 -8.08
C LYS A 228 -51.70 25.75 -7.17
N ASP A 229 -51.40 24.81 -6.30
CA ASP A 229 -50.47 25.03 -5.20
C ASP A 229 -49.04 25.10 -5.68
N LYS A 230 -48.26 25.93 -5.00
CA LYS A 230 -46.85 26.08 -5.32
C LYS A 230 -46.06 24.97 -4.69
N VAL A 231 -45.15 24.38 -5.45
CA VAL A 231 -44.22 23.39 -4.93
C VAL A 231 -42.92 24.10 -4.60
N THR A 232 -42.54 24.06 -3.32
CA THR A 232 -41.57 24.99 -2.76
C THR A 232 -40.25 24.40 -2.37
N GLY A 233 -40.14 23.07 -2.28
CA GLY A 233 -38.89 22.46 -1.84
C GLY A 233 -38.30 21.50 -2.87
N ASP A 234 -38.45 21.83 -4.15
CA ASP A 234 -38.08 20.96 -5.26
C ASP A 234 -36.70 21.32 -5.79
N LEU A 235 -35.71 20.46 -5.55
CA LEU A 235 -34.35 20.69 -5.98
C LEU A 235 -34.08 20.18 -7.38
N ILE A 236 -35.08 19.67 -8.08
CA ILE A 236 -34.91 19.27 -9.44
C ILE A 236 -35.37 20.38 -10.38
N TYR A 237 -36.60 20.85 -10.20
CA TYR A 237 -37.17 21.82 -11.13
C TYR A 237 -37.61 23.10 -10.47
N ALA A 238 -37.29 23.30 -9.20
CA ALA A 238 -37.74 24.49 -8.49
C ALA A 238 -39.27 24.65 -8.54
N GLY A 239 -40.00 23.55 -8.62
CA GLY A 239 -41.45 23.61 -8.62
C GLY A 239 -42.12 23.90 -9.92
N ASP A 240 -41.40 23.85 -11.04
CA ASP A 240 -42.03 24.03 -12.35
C ASP A 240 -42.76 22.76 -12.68
N VAL A 241 -44.08 22.76 -12.49
CA VAL A 241 -44.82 21.51 -12.60
C VAL A 241 -44.99 21.06 -14.04
N THR A 242 -44.85 21.98 -15.04
CA THR A 242 -44.82 21.54 -16.42
C THR A 242 -43.61 20.65 -16.68
N LYS A 243 -42.48 20.99 -16.08
CA LYS A 243 -41.30 20.13 -16.23
C LYS A 243 -41.53 18.81 -15.54
N TRP A 244 -42.25 18.81 -14.40
CA TRP A 244 -42.60 17.50 -13.79
C TRP A 244 -43.47 16.66 -14.72
N GLN A 245 -44.35 17.27 -15.52
CA GLN A 245 -45.07 16.46 -16.51
C GLN A 245 -44.10 15.87 -17.52
N GLN A 246 -43.16 16.69 -18.00
CA GLN A 246 -42.19 16.18 -18.97
C GLN A 246 -41.38 15.04 -18.37
N LEU A 247 -40.95 15.18 -17.12
CA LEU A 247 -40.21 14.07 -16.49
C LEU A 247 -41.09 12.84 -16.38
N ALA A 248 -42.34 13.02 -15.91
CA ALA A 248 -43.20 11.84 -15.73
C ALA A 248 -43.40 11.09 -17.06
N ASN A 249 -43.66 11.84 -18.15
CA ASN A 249 -43.86 11.17 -19.44
C ASN A 249 -42.53 10.57 -19.95
N SER A 250 -41.40 11.22 -19.64
CA SER A 250 -40.12 10.62 -20.05
C SER A 250 -39.83 9.35 -19.27
N LEU A 251 -40.18 9.32 -17.98
CA LEU A 251 -40.07 8.07 -17.22
C LEU A 251 -40.96 7.00 -17.84
N ARG A 252 -42.16 7.38 -18.31
CA ARG A 252 -42.99 6.38 -18.99
C ARG A 252 -42.25 5.81 -20.21
N LEU A 253 -41.50 6.64 -20.96
CA LEU A 253 -40.72 6.10 -22.08
C LEU A 253 -39.66 5.14 -21.57
N ARG A 254 -38.99 5.52 -20.48
CA ARG A 254 -37.95 4.65 -19.92
C ARG A 254 -38.52 3.30 -19.54
N PHE A 255 -39.64 3.30 -18.82
CA PHE A 255 -40.22 2.04 -18.36
C PHE A 255 -40.85 1.26 -19.52
N ALA A 256 -41.40 1.96 -20.51
CA ALA A 256 -41.91 1.27 -21.71
C ALA A 256 -40.79 0.56 -22.45
N MET A 257 -39.66 1.23 -22.67
CA MET A 257 -38.52 0.54 -23.29
C MET A 257 -38.01 -0.58 -22.39
N ARG A 258 -38.01 -0.37 -21.08
CA ARG A 258 -37.53 -1.44 -20.19
C ARG A 258 -38.27 -2.75 -20.46
N ILE A 259 -39.60 -2.68 -20.65
CA ILE A 259 -40.41 -3.89 -20.76
C ILE A 259 -40.55 -4.38 -22.22
N SER A 260 -39.75 -3.82 -23.12
CA SER A 260 -39.91 -4.08 -24.54
C SER A 260 -39.46 -5.47 -24.94
N SER A 261 -38.66 -6.18 -24.12
CA SER A 261 -38.36 -7.57 -24.45
CA SER A 261 -38.37 -7.56 -24.46
C SER A 261 -39.41 -8.50 -23.88
N VAL A 262 -39.83 -8.26 -22.63
CA VAL A 262 -40.76 -9.17 -21.96
C VAL A 262 -42.18 -8.99 -22.44
N ASN A 263 -42.57 -7.77 -22.83
CA ASN A 263 -43.95 -7.48 -23.27
C ASN A 263 -43.91 -6.43 -24.37
N PRO A 264 -43.51 -6.82 -25.57
CA PRO A 264 -43.28 -5.84 -26.62
C PRO A 264 -44.53 -5.05 -27.01
N THR A 265 -45.71 -5.67 -26.95
CA THR A 265 -46.91 -4.95 -27.38
C THR A 265 -47.30 -3.88 -26.37
N LYS A 266 -47.31 -4.23 -25.08
CA LYS A 266 -47.56 -3.20 -24.08
C LYS A 266 -46.49 -2.10 -24.13
N ALA A 267 -45.21 -2.51 -24.33
CA ALA A 267 -44.14 -1.51 -24.39
C ALA A 267 -44.43 -0.46 -25.46
N GLN A 268 -44.78 -0.93 -26.68
CA GLN A 268 -45.08 0.00 -27.77
C GLN A 268 -46.24 0.94 -27.41
N THR A 269 -47.33 0.36 -26.87
CA THR A 269 -48.52 1.16 -26.54
C THR A 269 -48.20 2.23 -25.49
N GLU A 270 -47.45 1.86 -24.45
CA GLU A 270 -47.10 2.79 -23.39
C GLU A 270 -46.15 3.85 -23.90
N PHE A 271 -45.24 3.47 -24.79
CA PHE A 271 -44.31 4.45 -25.31
C PHE A 271 -45.05 5.50 -26.11
N GLU A 272 -45.93 5.02 -27.00
CA GLU A 272 -46.71 5.93 -27.83
C GLU A 272 -47.64 6.80 -26.99
N ASN A 273 -48.26 6.20 -25.98
CA ASN A 273 -49.14 7.01 -25.12
C ASN A 273 -48.37 8.14 -24.46
N ALA A 274 -47.17 7.84 -23.96
CA ALA A 274 -46.39 8.86 -23.27
C ALA A 274 -46.06 10.03 -24.20
N LEU A 275 -45.76 9.75 -25.47
CA LEU A 275 -45.39 10.84 -26.38
C LEU A 275 -46.57 11.77 -26.60
N ALA A 276 -47.77 11.22 -26.52
CA ALA A 276 -49.02 11.97 -26.75
C ALA A 276 -49.60 12.62 -25.50
N ALA A 277 -49.01 12.41 -24.33
CA ALA A 277 -49.58 12.84 -23.07
C ALA A 277 -49.35 14.34 -22.83
N ASN A 278 -50.13 14.88 -21.88
CA ASN A 278 -50.11 16.31 -21.58
C ASN A 278 -48.72 16.71 -21.14
N GLY A 279 -48.21 17.76 -21.73
CA GLY A 279 -46.92 18.27 -21.36
C GLY A 279 -45.79 17.71 -22.19
N GLY A 280 -46.01 16.62 -22.92
CA GLY A 280 -44.98 15.97 -23.72
C GLY A 280 -43.84 15.45 -22.81
N VAL A 281 -42.70 15.20 -23.47
CA VAL A 281 -41.52 14.60 -22.83
C VAL A 281 -40.39 15.61 -22.77
N ILE A 282 -39.27 15.19 -22.19
CA ILE A 282 -38.11 16.05 -22.11
C ILE A 282 -37.46 16.11 -23.49
N THR A 283 -37.59 17.24 -24.18
CA THR A 283 -37.15 17.30 -25.57
C THR A 283 -35.86 18.08 -25.76
N ASP A 284 -35.37 18.75 -24.74
CA ASP A 284 -34.06 19.37 -24.79
C ASP A 284 -33.53 19.52 -23.37
N ALA A 285 -32.24 19.82 -23.28
CA ALA A 285 -31.53 19.75 -22.00
C ALA A 285 -32.05 20.72 -20.94
N SER A 286 -32.78 21.78 -21.36
CA SER A 286 -33.30 22.67 -20.35
C SER A 286 -34.36 22.04 -19.46
N SER A 287 -34.81 20.83 -19.78
CA SER A 287 -35.74 20.12 -18.93
C SER A 287 -35.12 18.85 -18.36
N ASP A 288 -33.78 18.71 -18.43
CA ASP A 288 -33.13 17.55 -17.77
C ASP A 288 -33.47 17.58 -16.30
N ALA A 289 -33.67 16.38 -15.72
CA ALA A 289 -34.06 16.23 -14.33
C ALA A 289 -32.79 15.90 -13.54
N LEU A 290 -32.26 16.90 -12.81
CA LEU A 290 -30.99 16.82 -12.09
C LEU A 290 -31.23 17.38 -10.69
N ILE A 291 -30.96 16.57 -9.67
CA ILE A 291 -31.02 17.08 -8.29
C ILE A 291 -29.84 18.00 -8.06
N LYS A 292 -30.13 19.21 -7.55
CA LYS A 292 -29.05 20.18 -7.32
C LYS A 292 -28.44 19.90 -5.95
N TYR A 293 -27.13 19.64 -5.90
CA TYR A 293 -26.38 19.43 -4.67
C TYR A 293 -25.44 20.61 -4.44
N MET A 294 -25.03 20.77 -3.18
CA MET A 294 -24.21 21.94 -2.88
C MET A 294 -22.74 21.56 -2.79
N THR A 295 -21.87 22.57 -2.91
CA THR A 295 -20.43 22.37 -2.87
C THR A 295 -19.97 22.39 -1.41
N ILE A 296 -19.97 21.22 -0.77
CA ILE A 296 -19.49 21.09 0.60
C ILE A 296 -18.18 20.32 0.55
N ALA A 297 -17.35 20.51 1.57
CA ALA A 297 -16.12 19.74 1.63
C ALA A 297 -16.42 18.29 1.95
N PHE A 298 -15.64 17.38 1.37
CA PHE A 298 -15.80 15.98 1.72
C PHE A 298 -15.31 15.71 3.13
N SER A 299 -16.11 14.98 3.90
CA SER A 299 -15.74 14.52 5.22
C SER A 299 -16.24 13.11 5.37
N PHE A 300 -15.43 12.23 5.98
CA PHE A 300 -15.89 10.89 6.31
C PHE A 300 -16.09 10.68 7.81
N GLY A 301 -16.15 11.77 8.59
CA GLY A 301 -16.53 11.64 9.98
C GLY A 301 -17.94 11.15 10.17
N GLN A 302 -18.28 10.84 11.43
CA GLN A 302 -19.61 10.28 11.71
C GLN A 302 -20.73 11.22 11.28
N GLU A 303 -20.53 12.53 11.40
CA GLU A 303 -21.62 13.46 11.13
C GLU A 303 -21.95 13.45 9.64
N ALA A 304 -20.97 13.07 8.81
CA ALA A 304 -21.17 13.12 7.37
C ALA A 304 -22.19 12.09 6.90
N TYR A 305 -22.44 11.05 7.71
CA TYR A 305 -23.43 10.04 7.33
C TYR A 305 -24.87 10.52 7.53
N SER A 306 -25.09 11.69 8.13
CA SER A 306 -26.43 12.26 8.19
CA SER A 306 -26.42 12.28 8.19
C SER A 306 -26.52 13.58 7.42
N ASP A 307 -25.50 13.92 6.63
CA ASP A 307 -25.45 15.15 5.85
C ASP A 307 -25.69 14.78 4.40
N TYR A 308 -26.84 15.19 3.85
CA TYR A 308 -27.22 14.84 2.49
C TYR A 308 -27.08 16.02 1.52
N ARG A 309 -26.40 17.09 1.95
CA ARG A 309 -26.42 18.31 1.14
C ARG A 309 -25.56 18.20 -0.11
N GLY A 310 -24.54 17.33 -0.09
CA GLY A 310 -23.65 17.13 -1.23
C GLY A 310 -23.84 15.80 -1.92
N ASN A 311 -23.37 15.69 -3.18
CA ASN A 311 -23.41 14.41 -3.90
C ASN A 311 -22.41 13.46 -3.25
N SER A 312 -22.91 12.44 -2.52
CA SER A 312 -22.03 11.51 -1.84
C SER A 312 -21.49 10.41 -2.74
N LEU A 313 -22.12 10.21 -3.90
CA LEU A 313 -21.50 9.30 -4.88
C LEU A 313 -20.17 9.87 -5.37
N SER A 314 -20.15 11.14 -5.80
CA SER A 314 -18.87 11.78 -6.11
C SER A 314 -17.89 11.71 -4.95
N GLN A 315 -18.37 11.93 -3.73
CA GLN A 315 -17.46 11.85 -2.60
C GLN A 315 -16.81 10.47 -2.52
N LEU A 316 -17.59 9.40 -2.70
CA LEU A 316 -17.02 8.05 -2.63
C LEU A 316 -16.13 7.73 -3.83
N LEU A 317 -16.47 8.25 -5.01
CA LEU A 317 -15.59 8.03 -6.15
C LEU A 317 -14.25 8.73 -5.95
N PHE A 318 -14.21 9.82 -5.17
CA PHE A 318 -12.94 10.36 -4.70
C PHE A 318 -12.33 9.40 -3.71
N GLY A 319 -13.09 9.04 -2.68
CA GLY A 319 -12.77 7.92 -1.83
C GLY A 319 -12.38 8.27 -0.39
N ASN A 320 -12.66 7.31 0.51
CA ASN A 320 -12.22 7.35 1.89
C ASN A 320 -10.72 7.02 1.99
N ASP A 321 -10.18 6.37 0.95
CA ASP A 321 -8.78 5.96 0.87
C ASP A 321 -8.28 6.39 -0.51
N PRO A 322 -8.24 7.71 -0.76
CA PRO A 322 -8.12 8.19 -2.15
C PRO A 322 -6.77 8.05 -2.81
N ALA A 323 -5.69 7.96 -2.04
CA ALA A 323 -4.42 7.75 -2.72
C ALA A 323 -4.22 6.28 -3.04
N ASN A 324 -4.56 5.40 -2.09
CA ASN A 324 -4.42 3.95 -2.32
C ASN A 324 -5.51 3.41 -3.24
N ASN A 325 -6.70 4.01 -3.21
CA ASN A 325 -7.88 3.40 -3.86
C ASN A 325 -8.74 4.50 -4.47
N PRO A 326 -8.20 5.22 -5.45
CA PRO A 326 -9.04 6.13 -6.24
C PRO A 326 -9.93 5.34 -7.17
N SER A 327 -10.72 6.05 -7.98
CA SER A 327 -11.55 5.43 -9.02
C SER A 327 -10.71 5.26 -10.29
N TYR A 328 -10.17 4.07 -10.50
CA TYR A 328 -9.61 3.71 -11.79
C TYR A 328 -10.69 3.25 -12.77
N LEU A 329 -10.51 3.60 -14.05
CA LEU A 329 -11.45 3.13 -15.08
C LEU A 329 -11.23 1.69 -15.45
N CYS A 330 -12.36 1.00 -15.73
CA CYS A 330 -12.31 -0.32 -16.31
C CYS A 330 -11.92 -0.25 -17.80
N SER A 331 -11.12 -1.24 -18.25
CA SER A 331 -10.68 -1.26 -19.63
C SER A 331 -11.87 -1.30 -20.63
N THR A 332 -12.96 -1.98 -20.27
CA THR A 332 -14.11 -2.02 -21.19
C THR A 332 -14.56 -0.60 -21.57
N PHE A 333 -14.66 0.28 -20.58
CA PHE A 333 -15.16 1.63 -20.80
C PHE A 333 -14.07 2.52 -21.37
N PHE A 334 -12.84 2.49 -20.78
CA PHE A 334 -11.76 3.31 -21.34
C PHE A 334 -11.49 2.94 -22.79
N ASN A 335 -11.45 1.64 -23.09
CA ASN A 335 -11.16 1.24 -24.47
C ASN A 335 -12.31 1.63 -25.40
N GLN A 336 -13.58 1.50 -24.95
CA GLN A 336 -14.68 1.97 -25.81
C GLN A 336 -14.45 3.42 -26.21
N LEU A 337 -14.14 4.28 -25.24
CA LEU A 337 -13.92 5.70 -25.49
C LEU A 337 -12.69 5.92 -26.38
N TYR A 338 -11.54 5.40 -25.97
CA TYR A 338 -10.30 5.68 -26.67
C TYR A 338 -10.30 5.10 -28.09
N ASN A 339 -10.68 3.84 -28.24
CA ASN A 339 -10.59 3.19 -29.53
C ASN A 339 -11.69 3.66 -30.48
N SER A 340 -12.68 4.40 -29.98
CA SER A 340 -13.67 4.93 -30.90
C SER A 340 -13.36 6.39 -31.22
N GLY A 341 -12.25 6.92 -30.70
CA GLY A 341 -11.98 8.36 -30.91
C GLY A 341 -12.98 9.26 -30.22
N ASP A 342 -13.61 8.76 -29.14
CA ASP A 342 -14.68 9.51 -28.48
C ASP A 342 -14.13 10.83 -27.90
N PRO A 343 -14.73 11.97 -28.22
CA PRO A 343 -14.26 13.22 -27.59
C PRO A 343 -14.25 13.20 -26.08
N ARG A 344 -15.04 12.34 -25.46
CA ARG A 344 -15.12 12.29 -24.02
C ARG A 344 -13.97 11.54 -23.37
N THR A 345 -13.12 10.86 -24.16
CA THR A 345 -12.09 10.00 -23.58
C THR A 345 -11.34 10.68 -22.43
N PHE A 346 -10.77 11.84 -22.70
CA PHE A 346 -9.97 12.54 -21.70
C PHE A 346 -10.74 13.68 -21.04
N LYS A 347 -12.06 13.70 -21.22
CA LYS A 347 -12.95 14.46 -20.35
C LYS A 347 -13.38 13.62 -19.17
N ILE A 348 -13.69 12.34 -19.42
CA ILE A 348 -14.08 11.44 -18.32
C ILE A 348 -12.86 10.93 -17.56
N SER A 349 -11.74 10.78 -18.25
CA SER A 349 -10.56 10.18 -17.61
C SER A 349 -9.29 10.98 -17.81
N ARG A 350 -8.35 10.82 -16.87
CA ARG A 350 -7.01 11.39 -16.96
C ARG A 350 -6.07 10.47 -16.20
N CYS A 351 -4.77 10.58 -16.50
CA CYS A 351 -3.75 9.95 -15.66
C CYS A 351 -3.19 11.03 -14.75
N TYR A 352 -3.20 10.75 -13.44
CA TYR A 352 -2.74 11.68 -12.43
C TYR A 352 -1.69 11.01 -11.56
N TYR A 353 -0.69 11.81 -11.15
CA TYR A 353 0.16 11.48 -10.02
C TYR A 353 -0.36 12.23 -8.81
N ASP A 354 -0.63 11.49 -7.75
CA ASP A 354 -1.37 11.98 -6.60
C ASP A 354 -0.52 12.10 -5.35
N GLY A 355 0.82 12.17 -5.52
CA GLY A 355 1.67 12.21 -4.34
C GLY A 355 1.45 13.46 -3.50
N LEU A 356 1.04 14.59 -4.12
CA LEU A 356 0.80 15.82 -3.39
C LEU A 356 -0.70 16.12 -3.21
N MET A 357 -1.56 15.19 -3.63
CA MET A 357 -3.00 15.40 -3.59
C MET A 357 -3.47 15.57 -2.14
N SER A 358 -4.47 16.43 -1.95
CA SER A 358 -5.09 16.58 -0.65
CA SER A 358 -5.08 16.58 -0.65
C SER A 358 -5.68 15.26 -0.16
N ALA A 359 -5.72 15.08 1.15
CA ALA A 359 -6.33 13.89 1.72
C ALA A 359 -7.83 13.87 1.57
N THR A 360 -8.48 15.03 1.43
CA THR A 360 -9.93 15.08 1.42
C THR A 360 -10.52 15.75 0.20
N SER A 361 -9.72 16.09 -0.82
CA SER A 361 -10.26 16.67 -2.04
C SER A 361 -9.26 16.43 -3.17
N PRO A 362 -9.72 16.42 -4.44
CA PRO A 362 -8.83 16.16 -5.59
C PRO A 362 -8.04 17.39 -6.00
N ASP A 363 -7.48 18.07 -5.01
CA ASP A 363 -6.65 19.22 -5.28
C ASP A 363 -5.18 18.81 -5.33
N ASN A 364 -4.41 19.55 -6.16
CA ASN A 364 -2.95 19.36 -6.22
C ASN A 364 -2.54 18.03 -6.87
N ARG A 365 -3.39 17.47 -7.75
CA ARG A 365 -2.95 16.32 -8.52
C ARG A 365 -2.13 16.79 -9.73
N VAL A 366 -1.26 15.92 -10.22
CA VAL A 366 -0.38 16.25 -11.34
C VAL A 366 -0.88 15.48 -12.56
N ASP A 367 -1.34 16.21 -13.59
CA ASP A 367 -1.87 15.55 -14.78
C ASP A 367 -0.73 15.15 -15.70
N ILE A 368 -0.54 13.84 -15.88
CA ILE A 368 0.55 13.31 -16.72
C ILE A 368 0.04 12.79 -18.06
N THR A 369 -1.24 12.99 -18.38
CA THR A 369 -1.83 12.35 -19.56
C THR A 369 -1.10 12.76 -20.84
N GLN A 370 -0.89 14.08 -21.04
CA GLN A 370 -0.24 14.53 -22.27
C GLN A 370 1.22 14.06 -22.31
N GLU A 371 1.91 14.10 -21.15
CA GLU A 371 3.26 13.58 -21.09
C GLU A 371 3.32 12.11 -21.52
N MET A 372 2.39 11.26 -21.01
CA MET A 372 2.36 9.87 -21.48
C MET A 372 2.19 9.79 -22.98
N ILE A 373 1.29 10.61 -23.54
CA ILE A 373 1.08 10.57 -24.99
C ILE A 373 2.35 10.95 -25.73
N GLU A 374 3.03 12.01 -25.27
CA GLU A 374 4.25 12.49 -25.94
C GLU A 374 5.37 11.46 -25.84
N LYS A 375 5.46 10.74 -24.73
CA LYS A 375 6.51 9.76 -24.53
C LYS A 375 6.13 8.37 -25.04
N GLY A 376 4.92 8.18 -25.56
CA GLY A 376 4.56 6.86 -26.01
C GLY A 376 4.36 5.81 -24.94
N ILE A 377 3.92 6.22 -23.75
CA ILE A 377 3.67 5.31 -22.64
C ILE A 377 2.23 4.83 -22.79
N ALA A 378 2.01 3.51 -22.71
CA ALA A 378 0.66 2.98 -22.88
C ALA A 378 -0.21 3.27 -21.64
N PHE A 379 -1.49 3.61 -21.86
CA PHE A 379 -2.49 3.54 -20.81
C PHE A 379 -2.74 2.11 -20.43
N SER A 380 -2.93 1.85 -19.12
CA SER A 380 -3.14 0.48 -18.65
C SER A 380 -4.43 0.38 -17.83
N PRO A 381 -5.59 0.59 -18.46
CA PRO A 381 -6.85 0.46 -17.72
C PRO A 381 -7.07 -0.96 -17.21
N ARG A 382 -7.97 -1.08 -16.23
CA ARG A 382 -8.07 -2.33 -15.48
C ARG A 382 -9.11 -3.29 -16.07
N ASP A 383 -8.69 -4.49 -16.45
CA ASP A 383 -9.68 -5.46 -16.94
C ASP A 383 -10.63 -5.85 -15.82
N PRO A 384 -11.87 -6.31 -16.17
CA PRO A 384 -12.79 -6.82 -15.15
C PRO A 384 -12.13 -7.88 -14.27
N GLY A 385 -12.13 -7.65 -12.94
CA GLY A 385 -11.48 -8.56 -12.01
C GLY A 385 -10.11 -8.09 -11.53
N ALA A 386 -9.51 -7.12 -12.21
CA ALA A 386 -8.17 -6.64 -11.87
C ALA A 386 -8.21 -5.60 -10.74
N TYR A 387 -7.20 -5.63 -9.88
CA TYR A 387 -6.93 -4.52 -8.98
C TYR A 387 -5.91 -3.59 -9.61
N SER A 388 -5.78 -2.37 -9.06
CA SER A 388 -4.74 -1.46 -9.55
C SER A 388 -3.35 -2.11 -9.44
N TRP A 389 -3.17 -3.02 -8.48
CA TRP A 389 -1.86 -3.60 -8.23
C TRP A 389 -1.71 -4.98 -8.84
N GLU A 390 -2.74 -5.48 -9.54
CA GLU A 390 -2.75 -6.85 -10.07
C GLU A 390 -3.60 -6.85 -11.33
N PRO A 391 -2.98 -6.86 -12.51
CA PRO A 391 -1.53 -6.95 -12.70
C PRO A 391 -0.78 -5.62 -12.44
N TRP A 392 0.44 -5.71 -11.88
CA TRP A 392 1.26 -4.51 -11.68
C TRP A 392 1.68 -3.96 -13.03
N PRO A 393 1.45 -2.69 -13.32
CA PRO A 393 1.64 -2.19 -14.69
C PRO A 393 3.06 -1.73 -14.96
N THR A 394 3.33 -1.50 -16.24
CA THR A 394 4.60 -0.94 -16.68
C THR A 394 4.52 0.58 -16.62
N GLY A 395 5.42 1.19 -15.86
CA GLY A 395 5.45 2.63 -15.72
C GLY A 395 6.55 3.28 -16.54
N TYR A 396 7.00 4.43 -16.07
CA TYR A 396 8.02 5.22 -16.77
C TYR A 396 8.47 6.33 -15.82
N ASP A 397 9.49 7.06 -16.25
CA ASP A 397 10.04 8.15 -15.44
C ASP A 397 9.49 9.46 -15.99
N SER A 398 8.78 10.19 -15.16
CA SER A 398 8.09 11.40 -15.56
C SER A 398 9.02 12.61 -15.44
N ASP A 399 9.17 13.35 -16.55
CA ASP A 399 9.92 14.59 -16.49
C ASP A 399 9.19 15.64 -15.68
N ILE A 400 7.87 15.70 -15.82
CA ILE A 400 7.09 16.65 -15.02
C ILE A 400 7.33 16.43 -13.54
N CYS A 401 7.27 15.17 -13.10
CA CYS A 401 7.41 14.90 -11.67
C CYS A 401 8.84 15.11 -11.21
N ALA A 402 9.82 14.74 -12.04
CA ALA A 402 11.20 15.01 -11.68
C ALA A 402 11.41 16.52 -11.47
N GLU A 403 10.83 17.35 -12.34
CA GLU A 403 10.94 18.78 -12.12
C GLU A 403 10.27 19.22 -10.84
N LEU A 404 9.08 18.68 -10.56
CA LEU A 404 8.37 19.08 -9.35
CA LEU A 404 8.37 19.07 -9.36
C LEU A 404 9.12 18.65 -8.10
N ALA A 405 9.90 17.57 -8.18
CA ALA A 405 10.61 17.06 -7.01
C ALA A 405 11.70 18.01 -6.50
N VAL A 406 12.20 18.90 -7.38
CA VAL A 406 13.25 19.85 -6.96
C VAL A 406 12.79 20.69 -5.77
N ASN A 407 11.59 21.25 -5.85
CA ASN A 407 11.06 22.03 -4.74
C ASN A 407 10.07 21.26 -3.87
N ASN A 408 9.69 20.05 -4.26
CA ASN A 408 8.75 19.25 -3.47
C ASN A 408 9.35 17.85 -3.35
N PRO A 409 10.26 17.67 -2.39
CA PRO A 409 11.12 16.47 -2.43
C PRO A 409 10.39 15.20 -2.12
N SER A 410 9.17 15.28 -1.59
CA SER A 410 8.36 14.07 -1.42
C SER A 410 7.91 13.46 -2.74
N VAL A 411 8.04 14.16 -3.84
CA VAL A 411 7.59 13.67 -5.13
C VAL A 411 8.58 12.66 -5.65
N THR A 412 8.08 11.55 -6.17
CA THR A 412 8.90 10.66 -6.95
C THR A 412 8.65 10.83 -8.44
N ALA A 413 9.68 10.63 -9.25
CA ALA A 413 9.51 10.71 -10.69
C ALA A 413 9.16 9.37 -11.30
N THR A 414 9.23 8.29 -10.53
CA THR A 414 8.89 6.98 -11.08
C THR A 414 7.39 6.72 -10.97
N MET A 415 6.74 6.67 -12.13
CA MET A 415 5.32 6.37 -12.23
C MET A 415 5.16 4.86 -12.35
N ALA A 416 4.15 4.31 -11.69
CA ALA A 416 3.78 2.92 -11.86
C ALA A 416 2.27 2.85 -12.10
N ARG A 417 1.46 2.76 -11.05
CA ARG A 417 0.02 2.67 -11.28
C ARG A 417 -0.58 3.94 -11.83
N GLU A 418 0.14 5.07 -11.83
CA GLU A 418 -0.34 6.32 -12.45
C GLU A 418 -0.63 6.17 -13.96
N VAL A 419 -0.09 5.12 -14.61
CA VAL A 419 -0.38 4.85 -16.03
C VAL A 419 -1.77 4.26 -16.23
N GLU A 420 -2.49 3.93 -15.16
CA GLU A 420 -3.87 3.46 -15.22
C GLU A 420 -4.85 4.62 -15.20
N PRO A 421 -5.66 4.83 -16.23
CA PRO A 421 -6.57 5.99 -16.24
C PRO A 421 -7.49 6.02 -15.02
N LYS A 422 -7.65 7.24 -14.49
CA LYS A 422 -8.49 7.51 -13.33
C LYS A 422 -9.63 8.43 -13.73
N LEU A 423 -10.68 8.38 -12.94
CA LEU A 423 -11.80 9.29 -13.13
C LEU A 423 -11.34 10.75 -12.97
N ALA A 424 -11.75 11.59 -13.92
CA ALA A 424 -11.27 12.97 -13.93
C ALA A 424 -11.91 13.77 -12.80
N ASN A 425 -11.18 14.81 -12.35
CA ASN A 425 -11.60 15.63 -11.22
C ASN A 425 -13.01 16.22 -11.37
N ASN A 426 -13.45 16.46 -12.62
CA ASN A 426 -14.78 17.06 -12.81
CA ASN A 426 -14.77 17.04 -12.84
C ASN A 426 -15.89 16.16 -12.28
N PHE A 427 -15.62 14.87 -12.08
CA PHE A 427 -16.60 13.89 -11.60
C PHE A 427 -16.42 13.58 -10.12
N LEU A 428 -15.65 14.41 -9.42
CA LEU A 428 -15.27 14.16 -8.02
C LEU A 428 -15.65 15.38 -7.19
N LYS A 429 -16.80 15.99 -7.49
CA LYS A 429 -17.21 17.23 -6.85
CA LYS A 429 -17.22 17.23 -6.87
C LYS A 429 -18.56 17.05 -6.15
N SER A 430 -18.67 17.65 -4.96
CA SER A 430 -19.89 17.58 -4.16
CA SER A 430 -19.90 17.51 -4.20
C SER A 430 -21.10 18.19 -4.89
N ASP A 431 -20.86 19.15 -5.80
CA ASP A 431 -21.96 19.75 -6.55
C ASP A 431 -22.25 19.06 -7.88
N ASN A 432 -21.63 17.90 -8.15
CA ASN A 432 -22.12 17.10 -9.29
C ASN A 432 -23.61 16.82 -9.12
N PRO A 433 -24.39 16.96 -10.17
CA PRO A 433 -25.85 16.77 -10.07
C PRO A 433 -26.24 15.34 -9.74
N GLY A 434 -27.42 15.18 -9.14
CA GLY A 434 -27.98 13.85 -8.95
C GLY A 434 -28.79 13.54 -10.20
N VAL A 435 -28.27 12.72 -11.09
CA VAL A 435 -28.92 12.54 -12.39
C VAL A 435 -30.14 11.64 -12.26
N VAL A 436 -31.30 12.16 -12.67
CA VAL A 436 -32.53 11.38 -12.69
C VAL A 436 -32.86 10.98 -14.12
N MET A 437 -33.01 11.94 -15.02
CA MET A 437 -33.27 11.65 -16.43
C MET A 437 -32.87 12.79 -17.32
N THR A 438 -32.30 12.47 -18.50
CA THR A 438 -31.79 13.48 -19.42
C THR A 438 -32.50 13.45 -20.77
N SER A 439 -32.44 14.60 -21.48
CA SER A 439 -32.97 14.66 -22.84
C SER A 439 -32.20 13.74 -23.80
N ALA A 440 -30.89 13.54 -23.53
CA ALA A 440 -30.10 12.60 -24.32
C ALA A 440 -30.69 11.20 -24.25
N GLU A 441 -31.02 10.73 -23.02
CA GLU A 441 -31.67 9.42 -22.91
C GLU A 441 -32.97 9.37 -23.70
N VAL A 442 -33.81 10.41 -23.59
CA VAL A 442 -35.04 10.43 -24.37
C VAL A 442 -34.76 10.27 -25.86
N LYS A 443 -33.71 10.96 -26.39
CA LYS A 443 -33.36 10.75 -27.81
C LYS A 443 -32.94 9.29 -28.09
N PHE A 444 -32.17 8.68 -27.21
CA PHE A 444 -31.80 7.29 -27.44
C PHE A 444 -33.00 6.36 -27.37
N LEU A 445 -33.93 6.64 -26.43
CA LEU A 445 -35.17 5.84 -26.36
C LEU A 445 -35.97 5.99 -27.67
N MET A 446 -36.15 7.24 -28.13
CA MET A 446 -36.84 7.47 -29.42
CA MET A 446 -36.85 7.45 -29.41
C MET A 446 -36.14 6.74 -30.56
N ALA A 447 -34.82 6.77 -30.60
CA ALA A 447 -34.10 6.10 -31.68
C ALA A 447 -34.36 4.61 -31.66
N GLU A 448 -34.27 4.00 -30.47
CA GLU A 448 -34.55 2.57 -30.39
C GLU A 448 -36.01 2.24 -30.77
N ALA A 449 -36.95 3.06 -30.31
CA ALA A 449 -38.36 2.82 -30.67
C ALA A 449 -38.53 2.91 -32.18
N THR A 450 -37.77 3.79 -32.83
CA THR A 450 -37.90 3.93 -34.28
C THR A 450 -37.30 2.73 -35.00
N VAL A 451 -36.15 2.23 -34.52
CA VAL A 451 -35.63 0.99 -35.06
C VAL A 451 -36.64 -0.14 -34.89
N LYS A 452 -37.37 -0.14 -33.78
CA LYS A 452 -38.36 -1.17 -33.54
C LYS A 452 -39.67 -0.95 -34.33
N LYS A 453 -39.70 0.10 -35.15
CA LYS A 453 -40.82 0.39 -36.06
C LYS A 453 -42.05 0.84 -35.31
N TRP A 454 -41.87 1.42 -34.12
CA TRP A 454 -42.99 2.02 -33.42
C TRP A 454 -43.35 3.35 -34.08
N ASN A 455 -44.55 3.84 -33.80
CA ASN A 455 -44.98 5.09 -34.41
C ASN A 455 -44.65 6.25 -33.49
N VAL A 456 -43.47 6.82 -33.67
CA VAL A 456 -42.99 7.84 -32.76
C VAL A 456 -42.77 9.21 -33.39
N GLY A 457 -42.99 9.37 -34.67
CA GLY A 457 -42.90 10.70 -35.23
C GLY A 457 -42.17 10.65 -36.56
N SER A 458 -41.70 11.82 -37.02
CA SER A 458 -41.15 11.93 -38.36
C SER A 458 -39.64 12.00 -38.40
N VAL A 459 -38.93 11.92 -37.26
CA VAL A 459 -37.48 12.01 -37.28
C VAL A 459 -36.90 10.63 -37.55
N SER A 460 -35.84 10.56 -38.36
CA SER A 460 -35.24 9.26 -38.63
C SER A 460 -34.53 8.75 -37.37
N ALA A 461 -34.45 7.42 -37.27
CA ALA A 461 -33.71 6.84 -36.14
C ALA A 461 -32.27 7.35 -36.11
N GLU A 462 -31.64 7.48 -37.28
CA GLU A 462 -30.27 7.99 -37.31
C GLU A 462 -30.18 9.39 -36.76
N ASP A 463 -31.08 10.29 -37.14
CA ASP A 463 -30.99 11.64 -36.61
C ASP A 463 -31.23 11.67 -35.10
N LEU A 464 -32.19 10.89 -34.62
CA LEU A 464 -32.44 10.86 -33.18
C LEU A 464 -31.21 10.33 -32.44
N TYR A 465 -30.61 9.25 -32.95
CA TYR A 465 -29.34 8.75 -32.40
C TYR A 465 -28.28 9.85 -32.36
N LYS A 466 -28.08 10.53 -33.50
CA LYS A 466 -27.06 11.59 -33.52
C LYS A 466 -27.36 12.69 -32.52
N GLN A 467 -28.64 13.14 -32.43
CA GLN A 467 -29.01 14.15 -31.43
C GLN A 467 -28.74 13.65 -30.01
N GLY A 468 -28.98 12.34 -29.76
CA GLY A 468 -28.68 11.75 -28.46
C GLY A 468 -27.20 11.80 -28.12
N VAL A 469 -26.34 11.43 -29.09
CA VAL A 469 -24.91 11.46 -28.82
C VAL A 469 -24.46 12.89 -28.57
N ARG A 470 -24.93 13.84 -29.40
CA ARG A 470 -24.55 15.22 -29.21
CA ARG A 470 -24.52 15.22 -29.20
C ARG A 470 -24.98 15.72 -27.83
N ALA A 471 -26.19 15.37 -27.44
CA ALA A 471 -26.66 15.84 -26.12
C ALA A 471 -25.87 15.18 -25.00
N ALA A 472 -25.56 13.89 -25.15
CA ALA A 472 -24.77 13.21 -24.11
C ALA A 472 -23.39 13.86 -23.96
N ILE A 473 -22.79 14.26 -25.09
CA ILE A 473 -21.48 14.92 -24.99
C ILE A 473 -21.64 16.29 -24.38
N ASP A 474 -22.66 17.06 -24.82
CA ASP A 474 -22.84 18.39 -24.28
C ASP A 474 -23.23 18.34 -22.80
N PHE A 475 -23.88 17.24 -22.39
CA PHE A 475 -24.24 17.07 -20.99
C PHE A 475 -23.03 17.23 -20.07
N LEU A 476 -21.86 16.72 -20.50
CA LEU A 476 -20.68 16.82 -19.63
C LEU A 476 -20.15 18.25 -19.58
N THR A 477 -20.26 18.98 -20.70
CA THR A 477 -19.84 20.37 -20.69
C THR A 477 -20.73 21.20 -19.78
N ASP A 478 -22.03 20.99 -19.90
CA ASP A 478 -23.02 21.86 -19.25
C ASP A 478 -23.10 21.57 -17.76
N ASN A 479 -22.87 20.32 -17.32
CA ASN A 479 -23.12 19.98 -15.93
C ASN A 479 -21.88 19.60 -15.14
N TYR A 480 -20.76 19.31 -15.81
CA TYR A 480 -19.55 18.88 -15.11
C TYR A 480 -18.37 19.80 -15.42
N GLY A 481 -18.57 20.88 -16.19
CA GLY A 481 -17.46 21.78 -16.47
C GLY A 481 -16.41 21.22 -17.41
N CYS A 482 -16.72 20.17 -18.16
CA CYS A 482 -15.72 19.62 -19.07
C CYS A 482 -15.59 20.58 -20.25
N THR A 483 -14.45 20.51 -20.93
CA THR A 483 -14.20 21.33 -22.11
CA THR A 483 -14.27 21.41 -22.06
C THR A 483 -15.27 21.09 -23.16
N ALA A 484 -15.74 22.13 -23.82
CA ALA A 484 -16.74 21.94 -24.86
C ALA A 484 -16.15 21.16 -26.02
N THR A 485 -17.00 20.37 -26.68
CA THR A 485 -16.65 19.69 -27.92
C THR A 485 -17.16 20.54 -29.07
N THR A 486 -16.27 20.83 -30.04
CA THR A 486 -16.69 21.68 -31.14
C THR A 486 -17.54 20.90 -32.15
N ASP A 487 -18.23 21.64 -33.03
CA ASP A 487 -18.99 20.96 -34.08
C ASP A 487 -18.10 20.08 -34.94
N ALA A 488 -16.88 20.57 -35.24
CA ALA A 488 -15.95 19.83 -36.08
C ALA A 488 -15.51 18.54 -35.40
N GLU A 489 -15.23 18.63 -34.10
CA GLU A 489 -14.89 17.44 -33.33
C GLU A 489 -16.05 16.47 -33.26
N PHE A 490 -17.27 16.98 -33.07
CA PHE A 490 -18.42 16.10 -33.04
C PHE A 490 -18.61 15.43 -34.39
N ASP A 491 -18.54 16.22 -35.46
CA ASP A 491 -18.78 15.66 -36.78
C ASP A 491 -17.74 14.60 -37.10
N ALA A 492 -16.48 14.84 -36.73
CA ALA A 492 -15.44 13.85 -37.02
C ALA A 492 -15.73 12.51 -36.36
N PHE A 493 -16.25 12.54 -35.12
CA PHE A 493 -16.56 11.31 -34.40
C PHE A 493 -17.81 10.65 -34.96
N ILE A 494 -18.89 11.44 -35.17
CA ILE A 494 -20.14 10.84 -35.56
C ILE A 494 -20.06 10.26 -36.98
N GLN A 495 -19.16 10.81 -37.82
CA GLN A 495 -19.02 10.33 -39.19
C GLN A 495 -18.12 9.11 -39.29
N ASP A 496 -17.37 8.81 -38.23
CA ASP A 496 -16.49 7.65 -38.26
C ASP A 496 -16.95 6.60 -37.24
N LYS A 497 -16.23 6.46 -36.10
CA LYS A 497 -16.55 5.32 -35.24
C LYS A 497 -17.75 5.55 -34.34
N GLY A 498 -18.21 6.79 -34.25
CA GLY A 498 -19.47 7.01 -33.58
C GLY A 498 -20.70 6.86 -34.47
N ALA A 499 -20.53 6.47 -35.73
CA ALA A 499 -21.67 6.35 -36.65
C ALA A 499 -22.71 5.34 -36.18
N PHE A 500 -23.94 5.53 -36.70
CA PHE A 500 -25.10 4.75 -36.29
C PHE A 500 -25.06 3.31 -36.78
N GLY A 501 -24.53 3.07 -37.96
CA GLY A 501 -24.56 1.71 -38.45
C GLY A 501 -25.81 1.37 -39.25
N HIS A 502 -25.87 0.13 -39.71
CA HIS A 502 -26.79 -0.15 -40.82
C HIS A 502 -27.76 -1.31 -40.58
N THR A 503 -27.33 -2.43 -40.03
CA THR A 503 -28.25 -3.48 -39.61
CA THR A 503 -28.29 -3.44 -39.66
C THR A 503 -28.98 -3.06 -38.35
N ASP A 504 -30.13 -3.67 -38.10
CA ASP A 504 -30.85 -3.41 -36.86
C ASP A 504 -29.97 -3.70 -35.64
N ASN A 505 -29.30 -4.85 -35.62
CA ASN A 505 -28.42 -5.15 -34.49
C ASN A 505 -27.33 -4.12 -34.34
N GLN A 506 -26.75 -3.65 -35.45
CA GLN A 506 -25.72 -2.61 -35.34
C GLN A 506 -26.28 -1.33 -34.74
N LYS A 507 -27.50 -0.95 -35.15
CA LYS A 507 -28.13 0.26 -34.64
C LYS A 507 -28.46 0.12 -33.16
N LEU A 508 -29.05 -1.02 -32.76
CA LEU A 508 -29.38 -1.24 -31.35
C LEU A 508 -28.11 -1.26 -30.50
N GLU A 509 -27.03 -1.83 -31.04
CA GLU A 509 -25.76 -1.83 -30.30
C GLU A 509 -25.24 -0.41 -30.12
N ALA A 510 -25.25 0.39 -31.20
CA ALA A 510 -24.74 1.74 -31.11
C ALA A 510 -25.56 2.58 -30.14
N ILE A 511 -26.91 2.51 -30.26
CA ILE A 511 -27.78 3.27 -29.35
C ILE A 511 -27.45 2.95 -27.89
N ASN A 512 -27.41 1.67 -27.56
CA ASN A 512 -27.30 1.24 -26.16
C ASN A 512 -25.87 1.33 -25.64
N THR A 513 -24.89 1.24 -26.54
CA THR A 513 -23.52 1.55 -26.12
C THR A 513 -23.36 3.03 -25.82
N GLN A 514 -23.95 3.90 -26.66
CA GLN A 514 -23.92 5.33 -26.36
C GLN A 514 -24.72 5.66 -25.09
N ALA A 515 -25.84 4.97 -24.86
CA ALA A 515 -26.58 5.18 -23.61
C ALA A 515 -25.74 4.78 -22.40
N TRP A 516 -25.02 3.65 -22.51
CA TRP A 516 -24.14 3.22 -21.41
C TRP A 516 -23.15 4.31 -21.06
N ILE A 517 -22.53 4.94 -22.07
CA ILE A 517 -21.61 6.03 -21.76
C ILE A 517 -22.35 7.15 -21.02
N LEU A 518 -23.52 7.56 -21.58
CA LEU A 518 -24.34 8.63 -20.98
C LEU A 518 -24.63 8.33 -19.51
N HIS A 519 -24.95 7.07 -19.21
CA HIS A 519 -25.38 6.69 -17.86
C HIS A 519 -24.22 6.47 -16.91
N PHE A 520 -23.00 6.85 -17.28
CA PHE A 520 -21.88 6.77 -16.33
C PHE A 520 -22.18 7.42 -14.98
N THR A 521 -22.81 8.60 -14.97
CA THR A 521 -23.15 9.26 -13.71
C THR A 521 -24.55 8.91 -13.20
N ASN A 522 -25.14 7.82 -13.65
CA ASN A 522 -26.46 7.35 -13.21
C ASN A 522 -26.37 5.83 -13.13
N PRO A 523 -25.62 5.32 -12.15
CA PRO A 523 -25.31 3.87 -12.15
C PRO A 523 -26.51 2.98 -12.03
N ALA A 524 -27.58 3.39 -11.34
CA ALA A 524 -28.77 2.56 -11.31
C ALA A 524 -29.35 2.40 -12.72
N GLU A 525 -29.46 3.51 -13.46
CA GLU A 525 -29.97 3.35 -14.83
C GLU A 525 -28.98 2.62 -15.73
N CYS A 526 -27.69 2.86 -15.50
CA CYS A 526 -26.70 2.21 -16.35
C CYS A 526 -26.85 0.69 -16.22
N TRP A 527 -26.90 0.20 -14.98
CA TRP A 527 -26.97 -1.28 -14.84
C TRP A 527 -28.30 -1.82 -15.36
N ALA A 528 -29.39 -1.08 -15.12
CA ALA A 528 -30.68 -1.55 -15.65
C ALA A 528 -30.63 -1.65 -17.17
N ASN A 529 -30.15 -0.58 -17.85
CA ASN A 529 -30.21 -0.61 -19.31
C ASN A 529 -29.21 -1.62 -19.89
N VAL A 530 -28.07 -1.84 -19.24
CA VAL A 530 -27.17 -2.87 -19.75
C VAL A 530 -27.89 -4.22 -19.68
N ARG A 531 -28.49 -4.52 -18.52
CA ARG A 531 -29.16 -5.81 -18.40
C ARG A 531 -30.30 -5.95 -19.40
N ARG A 532 -31.07 -4.87 -19.57
CA ARG A 532 -32.25 -4.97 -20.44
C ARG A 532 -31.84 -5.10 -21.90
N SER A 533 -30.96 -4.23 -22.39
CA SER A 533 -30.66 -4.19 -23.82
C SER A 533 -29.67 -5.25 -24.27
N GLY A 534 -28.90 -5.78 -23.34
CA GLY A 534 -27.80 -6.67 -23.67
C GLY A 534 -26.59 -5.98 -24.25
N TYR A 535 -26.54 -4.65 -24.23
CA TYR A 535 -25.38 -3.93 -24.75
C TYR A 535 -24.86 -2.97 -23.70
N PRO A 536 -23.54 -2.73 -23.67
CA PRO A 536 -22.55 -3.49 -24.44
C PRO A 536 -22.50 -4.93 -24.01
N LYS A 537 -21.94 -5.79 -24.88
CA LYS A 537 -21.87 -7.21 -24.55
C LYS A 537 -20.69 -7.41 -23.62
N LEU A 538 -20.96 -7.61 -22.34
CA LEU A 538 -19.89 -7.67 -21.33
C LEU A 538 -19.57 -9.14 -21.05
N LYS A 539 -18.28 -9.42 -20.84
CA LYS A 539 -17.80 -10.74 -20.50
C LYS A 539 -17.45 -10.82 -19.00
N SER A 540 -17.67 -12.00 -18.42
CA SER A 540 -17.31 -12.25 -17.02
C SER A 540 -15.84 -11.97 -16.75
N PRO A 541 -15.48 -11.53 -15.52
CA PRO A 541 -14.07 -11.47 -15.12
C PRO A 541 -13.35 -12.81 -15.32
N ALA A 542 -14.07 -13.94 -15.33
CA ALA A 542 -13.41 -15.21 -15.60
C ALA A 542 -12.76 -15.19 -16.99
N GLU A 543 -13.35 -14.47 -17.95
CA GLU A 543 -12.77 -14.38 -19.29
CA GLU A 543 -12.76 -14.38 -19.29
C GLU A 543 -11.50 -13.52 -19.35
N TYR A 544 -11.19 -12.78 -18.27
CA TYR A 544 -10.00 -11.95 -18.21
C TYR A 544 -8.94 -12.59 -17.31
N GLY A 545 -9.18 -13.83 -16.86
CA GLY A 545 -8.18 -14.55 -16.10
C GLY A 545 -8.40 -14.58 -14.61
N PHE A 546 -9.53 -14.06 -14.12
CA PHE A 546 -9.74 -13.94 -12.65
C PHE A 546 -10.76 -14.94 -12.09
N GLY A 547 -11.01 -16.04 -12.79
CA GLY A 547 -12.03 -17.02 -12.37
C GLY A 547 -11.77 -17.67 -11.03
N GLN A 548 -10.49 -17.78 -10.67
CA GLN A 548 -10.12 -18.43 -9.39
C GLN A 548 -10.71 -17.65 -8.22
N TYR A 549 -10.94 -16.37 -8.39
CA TYR A 549 -11.39 -15.53 -7.26
C TYR A 549 -12.92 -15.41 -7.18
N LEU A 550 -13.65 -15.87 -8.19
CA LEU A 550 -15.12 -15.64 -8.24
C LEU A 550 -15.95 -16.54 -7.33
N THR A 551 -16.05 -16.19 -6.06
CA THR A 551 -16.77 -17.04 -5.13
C THR A 551 -18.27 -17.04 -5.37
N GLY A 552 -18.80 -15.97 -5.95
CA GLY A 552 -20.25 -15.94 -6.10
C GLY A 552 -20.71 -16.38 -7.48
N GLY A 553 -19.88 -17.16 -8.18
CA GLY A 553 -20.27 -17.67 -9.48
C GLY A 553 -19.60 -16.94 -10.62
N THR A 554 -19.57 -17.57 -11.79
CA THR A 554 -18.84 -16.97 -12.89
C THR A 554 -19.64 -15.87 -13.60
N GLU A 555 -20.97 -15.99 -13.70
CA GLU A 555 -21.69 -15.01 -14.52
C GLU A 555 -21.88 -13.70 -13.74
N ILE A 556 -21.82 -12.59 -14.46
CA ILE A 556 -22.06 -11.28 -13.81
C ILE A 556 -23.47 -11.30 -13.21
N PRO A 557 -23.63 -10.94 -11.93
CA PRO A 557 -24.97 -10.88 -11.31
C PRO A 557 -25.94 -10.00 -12.06
N VAL A 558 -27.21 -10.42 -12.02
CA VAL A 558 -28.29 -9.75 -12.73
C VAL A 558 -29.36 -9.19 -11.80
N ARG A 559 -29.26 -9.45 -10.50
CA ARG A 559 -30.05 -8.77 -9.47
C ARG A 559 -29.21 -8.79 -8.19
N LEU A 560 -29.69 -8.13 -7.14
CA LEU A 560 -29.12 -8.36 -5.80
C LEU A 560 -30.12 -9.14 -4.95
N CYS A 561 -29.61 -9.88 -3.95
CA CYS A 561 -30.52 -10.67 -3.13
C CYS A 561 -31.23 -9.80 -2.09
N TYR A 562 -32.35 -10.34 -1.56
CA TYR A 562 -33.08 -9.59 -0.53
C TYR A 562 -32.27 -9.45 0.77
N PRO A 563 -32.53 -8.41 1.55
CA PRO A 563 -31.88 -8.27 2.85
C PRO A 563 -32.20 -9.40 3.82
N VAL A 564 -31.19 -9.81 4.61
CA VAL A 564 -31.44 -10.75 5.71
C VAL A 564 -32.43 -10.15 6.71
N LEU A 565 -32.49 -8.81 6.82
CA LEU A 565 -33.48 -8.20 7.69
C LEU A 565 -34.91 -8.56 7.27
N GLU A 566 -35.14 -8.78 5.99
CA GLU A 566 -36.47 -9.16 5.52
C GLU A 566 -36.78 -10.60 5.85
N SER A 567 -35.82 -11.51 5.59
CA SER A 567 -36.10 -12.91 5.92
C SER A 567 -36.22 -13.09 7.42
N SER A 568 -35.57 -12.22 8.21
CA SER A 568 -35.68 -12.28 9.67
C SER A 568 -36.99 -11.67 10.20
N TYR A 569 -37.37 -10.48 9.72
CA TYR A 569 -38.42 -9.71 10.39
C TYR A 569 -39.65 -9.44 9.54
N ASN A 570 -39.66 -9.88 8.29
CA ASN A 570 -40.81 -9.81 7.38
C ASN A 570 -40.98 -11.16 6.70
N LYS A 571 -40.92 -12.22 7.52
CA LYS A 571 -40.67 -13.56 7.02
C LYS A 571 -41.79 -14.09 6.13
N LYS A 572 -43.05 -13.90 6.51
CA LYS A 572 -44.15 -14.41 5.71
C LYS A 572 -44.12 -13.79 4.31
N SER A 573 -43.94 -12.47 4.25
CA SER A 573 -43.93 -11.82 2.94
C SER A 573 -42.70 -12.22 2.13
N TYR A 574 -41.53 -12.25 2.79
CA TYR A 574 -40.30 -12.73 2.16
C TYR A 574 -40.52 -14.13 1.58
N ASN A 575 -41.12 -15.01 2.39
CA ASN A 575 -41.32 -16.38 1.92
C ASN A 575 -42.21 -16.44 0.70
N GLU A 576 -43.28 -15.62 0.66
CA GLU A 576 -44.13 -15.59 -0.52
C GLU A 576 -43.36 -15.15 -1.75
N ALA A 577 -42.48 -14.15 -1.61
CA ALA A 577 -41.73 -13.69 -2.77
C ALA A 577 -40.74 -14.76 -3.27
N ILE A 578 -40.02 -15.42 -2.34
CA ILE A 578 -39.05 -16.40 -2.81
C ILE A 578 -39.72 -17.66 -3.37
N GLU A 579 -40.93 -17.97 -2.91
CA GLU A 579 -41.67 -19.09 -3.50
C GLU A 579 -41.89 -18.87 -5.00
N ARG A 580 -42.06 -17.62 -5.43
CA ARG A 580 -42.21 -17.34 -6.85
C ARG A 580 -40.93 -17.58 -7.65
N MET A 581 -39.77 -17.63 -6.98
CA MET A 581 -38.51 -17.96 -7.64
C MET A 581 -38.07 -19.37 -7.24
N GLY A 582 -39.02 -20.27 -7.00
CA GLY A 582 -38.64 -21.64 -6.65
C GLY A 582 -37.94 -21.78 -5.32
N GLY A 583 -38.19 -20.87 -4.38
CA GLY A 583 -37.52 -20.99 -3.09
C GLY A 583 -36.11 -20.44 -3.08
N THR A 584 -35.68 -19.82 -4.18
CA THR A 584 -34.32 -19.32 -4.28
C THR A 584 -34.34 -17.81 -4.05
N ASP A 585 -33.16 -17.28 -3.76
CA ASP A 585 -32.94 -15.82 -3.63
C ASP A 585 -31.46 -15.66 -3.95
N ASN A 586 -31.19 -15.59 -5.25
CA ASN A 586 -29.87 -15.75 -5.81
C ASN A 586 -29.64 -14.60 -6.77
N TRP A 587 -28.39 -14.11 -6.84
CA TRP A 587 -28.08 -12.97 -7.68
C TRP A 587 -27.88 -13.31 -9.16
N HIS A 588 -28.10 -14.59 -9.54
CA HIS A 588 -28.08 -14.99 -10.93
C HIS A 588 -29.47 -15.14 -11.51
N SER A 589 -30.53 -14.93 -10.71
CA SER A 589 -31.90 -15.08 -11.21
CA SER A 589 -31.88 -15.10 -11.22
C SER A 589 -32.31 -13.82 -11.96
N LEU A 590 -32.70 -13.95 -13.21
CA LEU A 590 -33.09 -12.80 -14.01
C LEU A 590 -34.37 -12.16 -13.47
N LEU A 591 -34.39 -10.83 -13.44
CA LEU A 591 -35.62 -10.13 -13.10
C LEU A 591 -36.66 -10.30 -14.22
N TRP A 592 -37.92 -10.02 -13.88
CA TRP A 592 -39.00 -10.24 -14.87
C TRP A 592 -38.76 -9.53 -16.21
N TRP A 593 -38.29 -8.25 -16.17
CA TRP A 593 -38.10 -7.55 -17.45
C TRP A 593 -36.83 -7.97 -18.17
N ASP A 594 -35.98 -8.80 -17.55
CA ASP A 594 -34.68 -9.14 -18.12
C ASP A 594 -34.78 -10.51 -18.78
N THR A 595 -35.04 -10.53 -20.08
CA THR A 595 -35.39 -11.79 -20.75
C THR A 595 -34.23 -12.79 -20.94
N GLU A 596 -32.98 -12.32 -20.91
CA GLU A 596 -31.81 -13.17 -21.07
C GLU A 596 -30.59 -12.39 -20.57
N ASN A 597 -29.47 -13.11 -20.40
CA ASN A 597 -28.20 -12.40 -20.09
C ASN A 597 -26.99 -12.87 -20.91
N ASP B 79 49.58 3.34 -3.90
CA ASP B 79 48.89 2.25 -4.60
C ASP B 79 48.37 1.06 -3.76
N PRO B 80 49.25 0.32 -3.05
CA PRO B 80 48.75 -0.45 -1.90
C PRO B 80 48.01 0.43 -0.92
N ASN B 81 48.49 1.65 -0.68
CA ASN B 81 47.76 2.57 0.18
C ASN B 81 46.38 2.90 -0.41
N ALA B 82 46.29 2.97 -1.73
CA ALA B 82 45.01 3.27 -2.36
C ALA B 82 44.09 2.06 -2.28
N GLN B 83 44.66 0.87 -2.38
CA GLN B 83 43.88 -0.35 -2.26
C GLN B 83 43.25 -0.48 -0.88
N LEU B 84 43.98 -0.06 0.16
CA LEU B 84 43.39 0.01 1.51
C LEU B 84 42.16 0.91 1.52
N THR B 85 42.29 2.13 0.95
CA THR B 85 41.18 3.06 0.96
C THR B 85 39.94 2.43 0.36
N THR B 86 40.08 1.84 -0.83
CA THR B 86 38.92 1.29 -1.52
C THR B 86 38.31 0.13 -0.73
N ALA B 87 39.15 -0.73 -0.15
CA ALA B 87 38.62 -1.87 0.60
C ALA B 87 37.89 -1.38 1.85
N GLN B 88 38.40 -0.34 2.50
CA GLN B 88 37.69 0.26 3.63
C GLN B 88 36.35 0.80 3.16
N LEU B 89 36.34 1.58 2.06
CA LEU B 89 35.06 2.10 1.59
C LEU B 89 34.07 1.00 1.26
N GLN B 90 34.51 -0.07 0.61
CA GLN B 90 33.60 -1.13 0.16
C GLN B 90 32.95 -1.88 1.33
N THR B 91 33.56 -1.82 2.50
CA THR B 91 33.08 -2.60 3.66
C THR B 91 31.63 -2.28 4.03
N TYR B 92 31.28 -0.98 4.08
CA TYR B 92 29.90 -0.59 4.22
C TYR B 92 29.40 0.24 3.06
N GLY B 93 30.25 0.50 2.05
CA GLY B 93 29.85 1.37 0.94
C GLY B 93 29.22 0.66 -0.24
N ASP B 94 29.28 -0.67 -0.30
CA ASP B 94 28.81 -1.45 -1.43
C ASP B 94 27.32 -1.70 -1.29
N LEU B 95 26.51 -1.01 -2.12
CA LEU B 95 25.07 -1.05 -1.96
C LEU B 95 24.51 -2.44 -2.20
N SER B 96 25.08 -3.17 -3.16
CA SER B 96 24.66 -4.56 -3.38
C SER B 96 24.88 -5.40 -2.13
N MET B 97 26.07 -5.29 -1.53
CA MET B 97 26.41 -6.18 -0.42
C MET B 97 25.56 -5.87 0.80
N MET B 98 25.29 -4.58 1.04
CA MET B 98 24.60 -4.24 2.27
C MET B 98 23.20 -4.78 2.32
N GLU B 99 22.61 -5.14 1.17
CA GLU B 99 21.29 -5.74 1.21
C GLU B 99 21.25 -6.99 2.11
N ILE B 100 22.38 -7.68 2.24
CA ILE B 100 22.38 -8.93 3.02
C ILE B 100 21.99 -8.65 4.48
N TYR B 101 22.47 -7.52 5.02
CA TYR B 101 22.23 -7.20 6.41
C TYR B 101 20.79 -6.80 6.64
N ARG B 102 20.23 -5.99 5.75
CA ARG B 102 18.80 -5.66 5.89
C ARG B 102 17.95 -6.90 5.69
N ASN B 103 18.32 -7.79 4.76
CA ASN B 103 17.48 -8.95 4.45
C ASN B 103 17.56 -10.02 5.53
N TYR B 104 18.75 -10.33 6.01
CA TYR B 104 18.99 -11.47 6.91
C TYR B 104 19.40 -11.07 8.32
N HIS B 105 20.62 -10.53 8.49
CA HIS B 105 21.16 -10.32 9.84
C HIS B 105 20.19 -9.59 10.77
N TYR B 106 19.65 -8.45 10.32
CA TYR B 106 18.84 -7.67 11.27
C TYR B 106 17.57 -8.36 11.72
N ALA B 107 17.06 -9.34 10.94
CA ALA B 107 15.97 -10.18 11.41
C ALA B 107 16.48 -11.30 12.33
N PHE B 108 17.59 -11.93 11.92
CA PHE B 108 18.15 -13.01 12.72
C PHE B 108 18.50 -12.55 14.14
N THR B 109 18.96 -11.30 14.29
CA THR B 109 19.27 -10.76 15.61
C THR B 109 18.06 -10.09 16.26
N GLN B 110 16.92 -10.08 15.54
CA GLN B 110 15.63 -9.57 16.04
C GLN B 110 15.75 -8.13 16.49
N GLN B 111 16.46 -7.35 15.67
CA GLN B 111 16.57 -5.92 15.90
C GLN B 111 15.67 -5.11 14.98
N LEU B 112 15.54 -5.50 13.69
CA LEU B 112 14.57 -4.85 12.80
C LEU B 112 13.63 -5.94 12.29
N MET B 113 12.36 -5.55 12.09
CA MET B 113 11.39 -6.48 11.56
C MET B 113 10.21 -5.64 11.10
N GLY B 114 9.64 -5.98 9.93
CA GLY B 114 8.43 -5.28 9.49
C GLY B 114 8.54 -4.70 8.07
N CYS B 115 9.73 -4.17 7.72
CA CYS B 115 10.07 -3.86 6.35
C CYS B 115 9.96 -5.13 5.52
N TRP B 116 9.39 -5.01 4.30
CA TRP B 116 9.19 -6.20 3.48
C TRP B 116 10.45 -7.06 3.35
N ASN B 117 11.61 -6.45 3.04
CA ASN B 117 12.81 -7.23 2.76
C ASN B 117 13.24 -8.03 4.00
N THR B 118 13.22 -7.36 5.16
CA THR B 118 13.71 -8.00 6.37
C THR B 118 12.79 -9.13 6.81
N THR B 119 11.48 -8.88 6.78
CA THR B 119 10.54 -9.92 7.18
C THR B 119 10.53 -11.07 6.17
N ASN B 120 10.52 -10.76 4.88
CA ASN B 120 10.39 -11.85 3.89
C ASN B 120 11.58 -12.79 3.95
N TYR B 121 12.79 -12.26 4.02
CA TYR B 121 13.98 -13.10 3.94
C TYR B 121 14.40 -13.67 5.30
N GLY B 122 14.94 -12.80 6.17
CA GLY B 122 15.37 -13.31 7.47
C GLY B 122 14.23 -13.57 8.44
N GLY B 123 13.15 -12.78 8.36
CA GLY B 123 12.08 -12.91 9.33
C GLY B 123 11.25 -14.15 9.14
N ARG B 124 11.24 -14.68 7.90
CA ARG B 124 10.43 -15.86 7.59
C ARG B 124 11.26 -16.97 7.00
N HIS B 125 12.60 -16.86 7.11
CA HIS B 125 13.51 -17.96 6.78
C HIS B 125 13.35 -18.39 5.32
N THR B 126 13.34 -17.41 4.42
CA THR B 126 13.35 -17.69 2.97
C THR B 126 14.78 -17.91 2.53
N LEU B 127 15.10 -19.16 2.21
CA LEU B 127 16.40 -19.50 1.68
C LEU B 127 16.49 -18.95 0.24
N ASP B 128 17.47 -18.12 -0.03
CA ASP B 128 17.58 -17.53 -1.36
C ASP B 128 19.06 -17.46 -1.66
N ASN B 129 19.53 -18.31 -2.56
CA ASN B 129 20.96 -18.46 -2.71
C ASN B 129 21.61 -17.17 -3.20
N ASN B 130 20.94 -16.46 -4.11
CA ASN B 130 21.50 -15.21 -4.57
C ASN B 130 21.57 -14.17 -3.45
N GLU B 131 20.53 -14.07 -2.61
CA GLU B 131 20.63 -13.11 -1.50
C GLU B 131 21.71 -13.52 -0.50
N MET B 132 21.89 -14.82 -0.26
CA MET B 132 22.89 -15.27 0.73
C MET B 132 24.30 -15.06 0.18
N SER B 133 24.45 -14.88 -1.15
CA SER B 133 25.78 -14.87 -1.76
C SER B 133 26.48 -13.52 -1.70
N ARG B 134 25.83 -12.47 -1.20
CA ARG B 134 26.34 -11.12 -1.46
C ARG B 134 27.71 -10.88 -0.80
N ILE B 135 27.92 -11.38 0.42
CA ILE B 135 29.23 -11.16 1.04
C ILE B 135 30.32 -11.90 0.29
N TRP B 136 30.04 -13.15 -0.08
CA TRP B 136 31.01 -13.97 -0.79
C TRP B 136 31.44 -13.30 -2.08
N THR B 137 30.48 -12.94 -2.92
CA THR B 137 30.85 -12.39 -4.23
C THR B 137 31.51 -11.02 -4.10
N SER B 138 30.98 -10.16 -3.22
CA SER B 138 31.53 -8.83 -3.08
CA SER B 138 31.53 -8.81 -3.06
C SER B 138 32.98 -8.87 -2.60
N PHE B 139 33.28 -9.68 -1.59
CA PHE B 139 34.63 -9.65 -1.06
C PHE B 139 35.60 -10.45 -1.93
N TYR B 140 35.17 -11.59 -2.48
CA TYR B 140 36.14 -12.36 -3.25
C TYR B 140 36.41 -11.73 -4.61
N THR B 141 35.46 -10.97 -5.17
CA THR B 141 35.76 -10.31 -6.43
C THR B 141 36.41 -8.95 -6.25
N GLN B 142 36.23 -8.30 -5.10
CA GLN B 142 36.70 -6.93 -4.94
C GLN B 142 37.63 -6.83 -3.73
N SER B 143 37.11 -6.41 -2.58
CA SER B 143 37.97 -5.93 -1.50
C SER B 143 38.96 -6.99 -1.00
N LEU B 144 38.47 -8.21 -0.71
CA LEU B 144 39.40 -9.22 -0.20
C LEU B 144 40.45 -9.56 -1.26
N LYS B 145 40.01 -9.77 -2.50
CA LYS B 145 40.93 -9.99 -3.62
C LYS B 145 41.99 -8.91 -3.70
N ASN B 146 41.58 -7.66 -3.63
CA ASN B 146 42.51 -6.56 -3.82
C ASN B 146 43.44 -6.41 -2.61
N ILE B 147 42.91 -6.68 -1.40
CA ILE B 147 43.76 -6.62 -0.22
C ILE B 147 44.83 -7.72 -0.26
N ILE B 148 44.45 -8.90 -0.74
CA ILE B 148 45.41 -9.99 -0.91
C ILE B 148 46.51 -9.59 -1.88
N ASP B 149 46.12 -9.01 -3.02
CA ASP B 149 47.11 -8.57 -3.99
C ASP B 149 48.08 -7.55 -3.37
N ALA B 150 47.53 -6.54 -2.69
CA ALA B 150 48.36 -5.50 -2.10
C ALA B 150 49.27 -6.03 -1.02
N GLN B 151 48.78 -6.99 -0.21
CA GLN B 151 49.60 -7.57 0.85
C GLN B 151 50.78 -8.32 0.24
N TYR B 152 50.48 -9.17 -0.73
CA TYR B 152 51.48 -9.93 -1.47
C TYR B 152 52.56 -9.02 -2.03
N ARG B 153 52.17 -7.86 -2.58
CA ARG B 153 53.13 -7.00 -3.24
C ARG B 153 53.99 -6.19 -2.28
N THR B 154 53.63 -6.14 -1.00
CA THR B 154 54.39 -5.39 0.01
C THR B 154 55.00 -6.30 1.07
N ALA B 155 54.85 -7.62 0.92
CA ALA B 155 55.30 -8.56 1.93
C ALA B 155 56.83 -8.66 1.92
N GLU B 156 57.43 -8.80 3.11
CA GLU B 156 58.87 -8.99 3.22
C GLU B 156 59.65 -7.86 2.54
N ASP B 157 59.20 -6.62 2.73
CA ASP B 157 59.85 -5.41 2.27
C ASP B 157 60.00 -4.49 3.46
N ALA B 158 61.22 -4.38 3.99
CA ALA B 158 61.44 -3.64 5.22
C ALA B 158 61.06 -2.18 5.09
N GLU B 159 60.99 -1.65 3.87
CA GLU B 159 60.58 -0.27 3.66
C GLU B 159 59.06 -0.14 3.52
N LYS B 160 58.31 -1.23 3.65
CA LYS B 160 56.87 -1.16 3.48
C LYS B 160 56.15 -1.85 4.65
N VAL B 161 56.81 -1.93 5.81
CA VAL B 161 56.30 -2.78 6.88
C VAL B 161 54.98 -2.25 7.43
N ASN B 162 54.81 -0.92 7.47
CA ASN B 162 53.57 -0.40 8.06
C ASN B 162 52.37 -0.65 7.14
N ILE B 163 52.46 -0.28 5.88
CA ILE B 163 51.34 -0.56 4.99
C ILE B 163 51.11 -2.08 4.90
N ASN B 164 52.19 -2.87 4.83
CA ASN B 164 52.01 -4.32 4.76
C ASN B 164 51.27 -4.85 5.99
N SER B 165 51.67 -4.40 7.19
CA SER B 165 51.03 -4.86 8.42
C SER B 165 49.56 -4.42 8.48
N VAL B 166 49.30 -3.14 8.17
CA VAL B 166 47.92 -2.68 8.10
C VAL B 166 47.11 -3.52 7.13
N LEU B 167 47.68 -3.87 5.98
CA LEU B 167 46.94 -4.70 5.04
C LEU B 167 46.65 -6.09 5.63
N ARG B 168 47.60 -6.63 6.41
CA ARG B 168 47.38 -7.95 7.00
C ARG B 168 46.26 -7.91 8.03
N ILE B 169 46.20 -6.82 8.80
CA ILE B 169 45.13 -6.68 9.79
C ILE B 169 43.80 -6.57 9.10
N TYR B 170 43.71 -5.71 8.07
CA TYR B 170 42.44 -5.55 7.39
C TYR B 170 42.04 -6.82 6.63
N ARG B 171 43.03 -7.61 6.16
CA ARG B 171 42.73 -8.86 5.49
C ARG B 171 42.08 -9.85 6.47
N VAL B 172 42.63 -9.94 7.67
CA VAL B 172 42.01 -10.76 8.72
C VAL B 172 40.59 -10.28 9.00
N TYR B 173 40.41 -8.95 9.11
CA TYR B 173 39.07 -8.43 9.41
C TYR B 173 38.04 -8.84 8.34
N LEU B 174 38.34 -8.58 7.06
CA LEU B 174 37.39 -8.96 6.02
C LEU B 174 37.16 -10.45 6.01
N MET B 175 38.24 -11.24 6.21
CA MET B 175 38.06 -12.68 6.17
C MET B 175 37.21 -13.16 7.34
N SER B 176 37.29 -12.46 8.47
CA SER B 176 36.46 -12.86 9.61
C SER B 176 34.98 -12.73 9.28
N ILE B 177 34.60 -11.69 8.51
CA ILE B 177 33.20 -11.60 8.10
C ILE B 177 32.82 -12.79 7.21
N ILE B 178 33.69 -13.16 6.24
CA ILE B 178 33.38 -14.31 5.38
C ILE B 178 33.20 -15.58 6.21
N THR B 179 34.18 -15.92 7.05
CA THR B 179 34.09 -17.21 7.74
C THR B 179 32.95 -17.21 8.76
N ASP B 180 32.69 -16.09 9.41
CA ASP B 180 31.60 -16.04 10.37
C ASP B 180 30.24 -16.06 9.69
N THR B 181 30.19 -15.87 8.35
CA THR B 181 28.95 -16.04 7.63
C THR B 181 28.78 -17.46 7.08
N TYR B 182 29.81 -18.01 6.44
CA TYR B 182 29.68 -19.23 5.64
C TYR B 182 30.38 -20.45 6.24
N GLY B 183 31.37 -20.26 7.09
CA GLY B 183 32.15 -21.37 7.63
C GLY B 183 33.47 -21.56 6.88
N ASP B 184 33.76 -22.79 6.47
CA ASP B 184 35.00 -23.00 5.75
C ASP B 184 35.01 -22.18 4.45
N ALA B 185 36.15 -21.61 4.10
CA ALA B 185 36.13 -20.79 2.90
C ALA B 185 37.54 -20.57 2.42
N PRO B 186 37.72 -20.18 1.16
CA PRO B 186 39.08 -19.87 0.68
C PRO B 186 39.75 -18.75 1.47
N PHE B 187 41.02 -18.95 1.81
CA PHE B 187 41.79 -17.91 2.50
C PHE B 187 43.27 -18.07 2.15
N SER B 188 43.91 -19.16 2.61
CA SER B 188 45.33 -19.33 2.34
C SER B 188 45.62 -19.38 0.84
N GLU B 189 44.72 -19.94 0.04
CA GLU B 189 44.92 -20.06 -1.40
C GLU B 189 44.09 -19.05 -2.18
N ALA B 190 43.39 -18.14 -1.50
CA ALA B 190 42.49 -17.22 -2.19
C ALA B 190 43.28 -16.16 -2.95
N GLY B 191 42.69 -15.70 -4.06
CA GLY B 191 43.21 -14.53 -4.77
C GLY B 191 44.60 -14.70 -5.34
N LEU B 192 44.96 -15.91 -5.77
CA LEU B 192 46.32 -16.18 -6.23
C LEU B 192 46.37 -16.63 -7.69
N GLY B 193 45.30 -16.45 -8.45
CA GLY B 193 45.26 -16.93 -9.82
C GLY B 193 46.26 -16.22 -10.71
N PHE B 194 46.24 -14.88 -10.69
CA PHE B 194 47.19 -14.13 -11.49
C PHE B 194 48.60 -14.20 -10.88
N LEU B 195 48.71 -14.06 -9.55
CA LEU B 195 50.02 -13.91 -8.92
C LEU B 195 50.78 -15.23 -8.82
N GLU B 196 50.08 -16.35 -8.73
CA GLU B 196 50.75 -17.62 -8.49
C GLU B 196 50.18 -18.74 -9.36
N GLY B 197 49.32 -18.42 -10.32
CA GLY B 197 48.71 -19.45 -11.14
C GLY B 197 47.98 -20.51 -10.35
N LYS B 198 47.42 -20.12 -9.20
CA LYS B 198 46.75 -21.03 -8.27
C LYS B 198 45.26 -20.71 -8.36
N PHE B 199 44.54 -21.57 -9.03
CA PHE B 199 43.09 -21.48 -9.16
C PHE B 199 42.49 -22.60 -8.34
N ASN B 200 41.16 -22.67 -8.33
CA ASN B 200 40.44 -23.62 -7.51
C ASN B 200 40.95 -23.68 -6.06
N PRO B 201 40.96 -22.54 -5.35
CA PRO B 201 41.48 -22.55 -3.98
C PRO B 201 40.65 -23.46 -3.07
N LYS B 202 41.35 -24.17 -2.20
CA LYS B 202 40.66 -24.98 -1.23
C LYS B 202 39.92 -24.08 -0.24
N TYR B 203 38.85 -24.63 0.35
CA TYR B 203 38.15 -23.95 1.44
C TYR B 203 38.84 -24.33 2.74
N ASP B 204 39.56 -23.38 3.34
CA ASP B 204 40.27 -23.65 4.60
C ASP B 204 39.23 -23.98 5.68
N LYS B 205 39.59 -24.91 6.57
CA LYS B 205 38.71 -25.18 7.69
C LYS B 205 38.62 -23.94 8.59
N GLN B 206 37.40 -23.65 9.09
CA GLN B 206 37.25 -22.51 9.99
C GLN B 206 38.22 -22.55 11.15
N GLU B 207 38.43 -23.76 11.71
CA GLU B 207 39.41 -23.93 12.78
C GLU B 207 40.77 -23.33 12.37
N ASP B 208 41.20 -23.61 11.13
CA ASP B 208 42.51 -23.16 10.67
C ASP B 208 42.51 -21.68 10.32
N ILE B 209 41.39 -21.17 9.80
CA ILE B 209 41.25 -19.74 9.56
C ILE B 209 41.43 -18.97 10.86
N TYR B 210 40.74 -19.40 11.93
CA TYR B 210 40.90 -18.70 13.21
C TYR B 210 42.34 -18.82 13.71
N ASN B 211 42.98 -20.00 13.56
CA ASN B 211 44.40 -20.08 13.92
C ASN B 211 45.21 -19.02 13.20
N ALA B 212 44.96 -18.87 11.92
CA ALA B 212 45.69 -17.89 11.13
C ALA B 212 45.37 -16.46 11.57
N PHE B 213 44.12 -16.19 12.00
CA PHE B 213 43.84 -14.85 12.48
C PHE B 213 44.78 -14.47 13.63
N PHE B 214 44.92 -15.38 14.63
CA PHE B 214 45.75 -15.00 15.77
C PHE B 214 47.20 -14.81 15.35
N LEU B 215 47.69 -15.68 14.46
CA LEU B 215 49.09 -15.61 14.05
C LEU B 215 49.35 -14.35 13.22
N GLU B 216 48.44 -14.03 12.30
CA GLU B 216 48.63 -12.86 11.43
C GLU B 216 48.59 -11.58 12.24
N LEU B 217 47.61 -11.47 13.14
CA LEU B 217 47.48 -10.26 13.95
C LEU B 217 48.68 -10.08 14.88
N GLU B 218 49.12 -11.16 15.56
CA GLU B 218 50.27 -11.01 16.44
C GLU B 218 51.50 -10.53 15.66
N ASP B 219 51.74 -11.13 14.49
CA ASP B 219 52.94 -10.77 13.74
C ASP B 219 52.85 -9.34 13.21
N ALA B 220 51.68 -8.97 12.71
CA ALA B 220 51.50 -7.61 12.22
C ALA B 220 51.81 -6.59 13.31
N VAL B 221 51.36 -6.86 14.54
CA VAL B 221 51.64 -5.98 15.67
C VAL B 221 53.15 -5.84 15.90
N ASN B 222 53.89 -6.95 15.72
CA ASN B 222 55.31 -6.95 15.99
C ASN B 222 56.14 -6.33 14.87
N LYS B 223 55.61 -6.27 13.64
CA LYS B 223 56.27 -5.70 12.47
C LYS B 223 56.08 -4.19 12.36
N ILE B 224 54.97 -3.67 12.87
CA ILE B 224 54.68 -2.23 12.77
C ILE B 224 55.81 -1.43 13.41
N ASP B 225 56.27 -0.37 12.70
CA ASP B 225 57.37 0.48 13.16
C ASP B 225 57.12 1.92 12.77
N PRO B 226 56.75 2.78 13.73
CA PRO B 226 56.38 4.15 13.37
C PRO B 226 57.50 4.91 12.68
N THR B 227 58.75 4.50 12.84
CA THR B 227 59.84 5.17 12.16
C THR B 227 59.95 4.79 10.69
N LYS B 228 59.09 3.93 10.17
CA LYS B 228 59.21 3.41 8.82
C LYS B 228 58.20 4.12 7.90
N ASP B 229 57.50 3.44 7.01
CA ASP B 229 56.70 4.07 5.98
C ASP B 229 55.44 4.71 6.53
N LYS B 230 55.02 5.80 5.88
CA LYS B 230 53.79 6.49 6.22
C LYS B 230 52.60 5.83 5.51
N VAL B 231 51.52 5.61 6.26
CA VAL B 231 50.28 5.05 5.69
C VAL B 231 49.37 6.23 5.37
N THR B 232 48.97 6.33 4.10
CA THR B 232 48.37 7.55 3.58
C THR B 232 46.92 7.41 3.15
N GLY B 233 46.44 6.20 2.88
CA GLY B 233 45.05 6.06 2.47
C GLY B 233 44.10 5.48 3.51
N ASP B 234 44.30 5.79 4.78
CA ASP B 234 43.62 5.12 5.89
C ASP B 234 42.43 5.95 6.36
N LEU B 235 41.22 5.45 6.12
CA LEU B 235 40.02 6.16 6.56
C LEU B 235 39.60 5.81 7.99
N ILE B 236 40.37 4.97 8.70
CA ILE B 236 40.01 4.63 10.06
C ILE B 236 40.81 5.46 11.05
N TYR B 237 42.15 5.40 10.95
CA TYR B 237 43.00 6.06 11.93
C TYR B 237 43.92 7.09 11.34
N ALA B 238 43.74 7.44 10.07
CA ALA B 238 44.60 8.46 9.42
C ALA B 238 46.07 8.04 9.49
N GLY B 239 46.31 6.72 9.35
CA GLY B 239 47.64 6.18 9.32
C GLY B 239 48.34 6.06 10.64
N ASP B 240 47.68 6.30 11.78
CA ASP B 240 48.35 6.15 13.07
C ASP B 240 48.54 4.65 13.31
N VAL B 241 49.76 4.15 13.07
CA VAL B 241 50.07 2.71 13.19
C VAL B 241 50.00 2.18 14.62
N THR B 242 50.13 3.04 15.63
CA THR B 242 49.92 2.61 17.01
C THR B 242 48.47 2.27 17.26
N LYS B 243 47.54 3.06 16.72
CA LYS B 243 46.14 2.68 16.80
C LYS B 243 45.88 1.39 16.02
N TRP B 244 46.60 1.16 14.91
CA TRP B 244 46.42 -0.11 14.20
C TRP B 244 46.88 -1.29 15.07
N GLN B 245 47.90 -1.10 15.91
CA GLN B 245 48.25 -2.18 16.84
C GLN B 245 47.13 -2.40 17.85
N GLN B 246 46.55 -1.31 18.36
CA GLN B 246 45.44 -1.43 19.28
C GLN B 246 44.28 -2.19 18.65
N LEU B 247 43.96 -1.86 17.40
CA LEU B 247 42.86 -2.57 16.73
C LEU B 247 43.20 -4.06 16.54
N ALA B 248 44.42 -4.36 16.09
CA ALA B 248 44.78 -5.75 15.87
C ALA B 248 44.70 -6.53 17.19
N ASN B 249 45.14 -5.91 18.28
CA ASN B 249 45.09 -6.65 19.55
C ASN B 249 43.66 -6.76 20.06
N SER B 250 42.81 -5.77 19.73
CA SER B 250 41.40 -5.86 20.10
C SER B 250 40.70 -6.92 19.27
N LEU B 251 41.05 -7.05 17.98
CA LEU B 251 40.48 -8.13 17.17
C LEU B 251 40.91 -9.49 17.72
N ARG B 252 42.12 -9.58 18.27
CA ARG B 252 42.53 -10.82 18.92
C ARG B 252 41.63 -11.11 20.11
N LEU B 253 41.25 -10.07 20.89
CA LEU B 253 40.29 -10.30 21.97
C LEU B 253 38.94 -10.82 21.42
N ARG B 254 38.43 -10.19 20.35
CA ARG B 254 37.16 -10.62 19.80
C ARG B 254 37.21 -12.09 19.36
N PHE B 255 38.26 -12.46 18.64
CA PHE B 255 38.34 -13.84 18.15
C PHE B 255 38.64 -14.82 19.29
N ALA B 256 39.42 -14.40 20.29
CA ALA B 256 39.62 -15.28 21.46
C ALA B 256 38.30 -15.57 22.15
N MET B 257 37.48 -14.53 22.36
CA MET B 257 36.21 -14.78 23.03
C MET B 257 35.31 -15.61 22.10
N ARG B 258 35.44 -15.44 20.78
CA ARG B 258 34.62 -16.21 19.87
C ARG B 258 34.84 -17.71 20.04
N ILE B 259 36.10 -18.12 20.24
CA ILE B 259 36.41 -19.55 20.31
C ILE B 259 36.31 -20.11 21.72
N SER B 260 35.86 -19.27 22.67
CA SER B 260 35.89 -19.65 24.09
C SER B 260 34.93 -20.77 24.48
N SER B 261 33.88 -21.07 23.68
CA SER B 261 33.04 -22.22 23.98
C SER B 261 33.72 -23.51 23.51
N VAL B 262 34.26 -23.51 22.28
CA VAL B 262 34.82 -24.78 21.77
C VAL B 262 36.19 -25.04 22.34
N ASN B 263 36.92 -23.99 22.69
CA ASN B 263 38.28 -24.12 23.18
C ASN B 263 38.57 -23.04 24.19
N PRO B 264 38.08 -23.22 25.42
CA PRO B 264 38.36 -22.23 26.48
C PRO B 264 39.83 -22.06 26.77
N THR B 265 40.63 -23.11 26.60
CA THR B 265 42.06 -23.02 26.95
C THR B 265 42.81 -22.09 26.01
N LYS B 266 42.71 -22.37 24.70
CA LYS B 266 43.31 -21.49 23.70
C LYS B 266 42.70 -20.10 23.78
N ALA B 267 41.38 -20.02 23.99
CA ALA B 267 40.76 -18.69 24.09
C ALA B 267 41.43 -17.86 25.18
N GLN B 268 41.55 -18.41 26.40
CA GLN B 268 42.18 -17.67 27.49
C GLN B 268 43.60 -17.26 27.15
N THR B 269 44.39 -18.18 26.56
CA THR B 269 45.76 -17.84 26.20
C THR B 269 45.80 -16.71 25.18
N GLU B 270 44.98 -16.82 24.11
CA GLU B 270 44.98 -15.74 23.09
C GLU B 270 44.56 -14.42 23.69
N PHE B 271 43.55 -14.44 24.57
CA PHE B 271 43.05 -13.20 25.18
C PHE B 271 44.13 -12.53 26.02
N GLU B 272 44.80 -13.33 26.86
CA GLU B 272 45.85 -12.79 27.72
C GLU B 272 47.05 -12.35 26.89
N ASN B 273 47.38 -13.09 25.84
CA ASN B 273 48.51 -12.64 25.01
C ASN B 273 48.23 -11.29 24.38
N ALA B 274 46.99 -11.08 23.92
CA ALA B 274 46.67 -9.84 23.24
C ALA B 274 46.79 -8.66 24.20
N LEU B 275 46.36 -8.84 25.44
CA LEU B 275 46.43 -7.74 26.38
C LEU B 275 47.88 -7.33 26.62
N ALA B 276 48.80 -8.30 26.55
CA ALA B 276 50.22 -8.08 26.81
C ALA B 276 50.98 -7.62 25.59
N ALA B 277 50.35 -7.56 24.42
CA ALA B 277 51.04 -7.35 23.17
C ALA B 277 51.41 -5.87 22.97
N ASN B 278 52.37 -5.64 22.07
CA ASN B 278 52.84 -4.28 21.76
C ASN B 278 51.69 -3.38 21.34
N GLY B 279 51.60 -2.22 21.99
CA GLY B 279 50.53 -1.28 21.73
C GLY B 279 49.28 -1.46 22.57
N GLY B 280 49.11 -2.61 23.23
CA GLY B 280 47.88 -2.84 23.97
C GLY B 280 46.63 -2.93 23.09
N VAL B 281 45.47 -2.74 23.76
CA VAL B 281 44.16 -2.83 23.11
C VAL B 281 43.51 -1.45 23.07
N ILE B 282 42.30 -1.38 22.51
CA ILE B 282 41.53 -0.13 22.49
C ILE B 282 40.95 0.06 23.89
N THR B 283 41.49 1.04 24.64
CA THR B 283 41.07 1.25 26.01
C THR B 283 40.16 2.46 26.21
N ASP B 284 39.93 3.26 25.18
CA ASP B 284 38.90 4.30 25.26
C ASP B 284 38.51 4.72 23.85
N ALA B 285 37.46 5.54 23.77
CA ALA B 285 36.83 5.76 22.47
C ALA B 285 37.72 6.52 21.50
N SER B 286 38.79 7.16 22.00
CA SER B 286 39.72 7.82 21.09
C SER B 286 40.42 6.85 20.16
N SER B 287 40.37 5.53 20.41
CA SER B 287 40.90 4.58 19.43
C SER B 287 39.83 3.67 18.82
N ASP B 288 38.54 4.06 18.89
CA ASP B 288 37.51 3.31 18.17
C ASP B 288 37.87 3.26 16.69
N ALA B 289 37.61 2.11 16.05
CA ALA B 289 37.92 1.88 14.66
C ALA B 289 36.62 2.08 13.89
N LEU B 290 36.51 3.23 13.23
CA LEU B 290 35.32 3.64 12.47
C LEU B 290 35.78 4.10 11.09
N ILE B 291 35.23 3.50 10.05
CA ILE B 291 35.50 3.94 8.67
C ILE B 291 34.74 5.24 8.39
N LYS B 292 35.43 6.25 7.88
CA LYS B 292 34.79 7.53 7.56
C LYS B 292 34.12 7.47 6.20
N TYR B 293 32.86 7.91 6.15
CA TYR B 293 32.07 8.00 4.91
C TYR B 293 31.64 9.44 4.71
N MET B 294 31.32 9.80 3.46
CA MET B 294 30.85 11.16 3.23
C MET B 294 29.35 11.18 2.97
N THR B 295 28.81 12.40 2.85
CA THR B 295 27.40 12.59 2.57
C THR B 295 27.19 12.73 1.07
N ILE B 296 26.47 11.78 0.48
CA ILE B 296 26.13 11.76 -0.92
C ILE B 296 24.63 11.48 -1.00
N ALA B 297 23.91 12.16 -1.90
CA ALA B 297 22.48 11.91 -2.03
C ALA B 297 22.22 10.42 -2.31
N PHE B 298 21.21 9.86 -1.62
CA PHE B 298 20.82 8.46 -1.86
C PHE B 298 20.19 8.31 -3.24
N SER B 299 20.83 7.51 -4.08
CA SER B 299 20.35 7.14 -5.40
C SER B 299 20.44 5.63 -5.54
N PHE B 300 19.48 5.05 -6.24
CA PHE B 300 19.48 3.63 -6.55
C PHE B 300 19.70 3.37 -8.04
N GLY B 301 20.08 4.36 -8.81
CA GLY B 301 20.44 4.12 -10.19
C GLY B 301 21.68 3.25 -10.31
N GLN B 302 21.98 2.85 -11.55
CA GLN B 302 23.06 1.90 -11.76
C GLN B 302 24.41 2.41 -11.26
N GLU B 303 24.65 3.73 -11.32
CA GLU B 303 25.97 4.25 -10.94
C GLU B 303 26.20 4.11 -9.44
N ALA B 304 25.11 4.14 -8.67
CA ALA B 304 25.19 4.04 -7.22
C ALA B 304 25.83 2.73 -6.79
N TYR B 305 25.70 1.67 -7.59
CA TYR B 305 26.22 0.35 -7.27
C TYR B 305 27.72 0.25 -7.47
N SER B 306 28.35 1.32 -7.96
CA SER B 306 29.81 1.39 -7.99
C SER B 306 30.31 2.58 -7.18
N ASP B 307 29.43 3.24 -6.44
CA ASP B 307 29.80 4.39 -5.62
C ASP B 307 29.87 3.92 -4.16
N TYR B 308 31.08 3.89 -3.63
CA TYR B 308 31.30 3.44 -2.24
C TYR B 308 31.60 4.60 -1.31
N ARG B 309 31.33 5.85 -1.73
CA ARG B 309 31.77 6.99 -0.93
C ARG B 309 30.91 7.19 0.32
N GLY B 310 29.65 6.78 0.27
CA GLY B 310 28.70 6.91 1.34
C GLY B 310 28.41 5.57 2.00
N ASN B 311 27.90 5.61 3.22
CA ASN B 311 27.48 4.41 3.93
C ASN B 311 26.21 3.87 3.27
N SER B 312 26.34 2.72 2.56
CA SER B 312 25.20 2.13 1.87
C SER B 312 24.31 1.32 2.79
N LEU B 313 24.80 0.94 3.98
CA LEU B 313 23.87 0.30 4.93
C LEU B 313 22.84 1.30 5.41
N SER B 314 23.30 2.50 5.79
CA SER B 314 22.36 3.55 6.15
C SER B 314 21.42 3.87 5.00
N GLN B 315 21.93 3.91 3.78
CA GLN B 315 21.06 4.14 2.61
C GLN B 315 19.91 3.15 2.54
N LEU B 316 20.22 1.85 2.75
CA LEU B 316 19.17 0.81 2.66
C LEU B 316 18.26 0.85 3.86
N LEU B 317 18.78 1.20 5.06
CA LEU B 317 17.89 1.32 6.21
C LEU B 317 16.91 2.46 6.01
N PHE B 318 17.31 3.49 5.26
CA PHE B 318 16.32 4.48 4.80
C PHE B 318 15.40 3.84 3.78
N GLY B 319 15.98 3.32 2.72
CA GLY B 319 15.27 2.41 1.85
C GLY B 319 15.10 2.87 0.42
N ASN B 320 15.03 1.88 -0.47
CA ASN B 320 14.61 2.13 -1.85
C ASN B 320 13.11 2.39 -1.95
N ASP B 321 12.35 2.03 -0.91
CA ASP B 321 10.90 2.13 -0.85
C ASP B 321 10.55 2.68 0.53
N PRO B 322 10.95 3.93 0.82
CA PRO B 322 11.10 4.36 2.22
C PRO B 322 9.80 4.71 2.91
N ALA B 323 8.74 5.01 2.13
CA ALA B 323 7.47 5.25 2.80
C ALA B 323 6.73 3.94 3.05
N ASN B 324 6.75 3.03 2.07
CA ASN B 324 6.10 1.73 2.28
C ASN B 324 6.90 0.81 3.19
N ASN B 325 8.21 0.91 3.19
CA ASN B 325 9.06 -0.11 3.79
C ASN B 325 10.28 0.56 4.42
N PRO B 326 10.05 1.37 5.44
CA PRO B 326 11.15 1.89 6.23
C PRO B 326 11.65 0.81 7.17
N SER B 327 12.62 1.16 8.00
CA SER B 327 13.16 0.24 9.00
C SER B 327 12.33 0.33 10.26
N TYR B 328 11.40 -0.60 10.45
CA TYR B 328 10.69 -0.74 11.70
C TYR B 328 11.47 -1.62 12.66
N LEU B 329 11.41 -1.30 13.95
CA LEU B 329 12.11 -2.13 14.94
C LEU B 329 11.36 -3.41 15.23
N CYS B 330 12.14 -4.46 15.53
CA CYS B 330 11.58 -5.71 16.06
C CYS B 330 11.18 -5.52 17.53
N SER B 331 10.10 -6.21 17.93
CA SER B 331 9.67 -6.14 19.33
C SER B 331 10.74 -6.63 20.29
N THR B 332 11.56 -7.64 19.89
CA THR B 332 12.54 -8.15 20.84
C THR B 332 13.46 -7.04 21.29
N PHE B 333 13.91 -6.24 20.33
CA PHE B 333 14.86 -5.16 20.62
C PHE B 333 14.17 -3.95 21.25
N PHE B 334 13.07 -3.47 20.64
CA PHE B 334 12.35 -2.35 21.23
C PHE B 334 11.93 -2.66 22.67
N ASN B 335 11.39 -3.85 22.91
CA ASN B 335 10.95 -4.20 24.26
C ASN B 335 12.13 -4.34 25.19
N GLN B 336 13.28 -4.85 24.73
CA GLN B 336 14.45 -4.86 25.61
C GLN B 336 14.78 -3.44 26.08
N LEU B 337 14.82 -2.51 25.16
CA LEU B 337 15.12 -1.11 25.50
C LEU B 337 14.04 -0.52 26.42
N TYR B 338 12.79 -0.55 25.95
CA TYR B 338 11.71 0.10 26.68
C TYR B 338 11.49 -0.52 28.08
N ASN B 339 11.41 -1.84 28.15
CA ASN B 339 11.08 -2.46 29.43
C ASN B 339 12.21 -2.38 30.43
N SER B 340 13.46 -2.19 29.97
CA SER B 340 14.59 -2.01 30.88
C SER B 340 14.80 -0.54 31.21
N GLY B 341 13.97 0.35 30.70
CA GLY B 341 14.25 1.75 31.01
C GLY B 341 15.52 2.27 30.38
N ASP B 342 15.90 1.71 29.24
CA ASP B 342 17.19 2.05 28.66
C ASP B 342 17.13 3.47 28.11
N PRO B 343 18.07 4.34 28.49
CA PRO B 343 18.09 5.71 27.94
C PRO B 343 18.11 5.72 26.41
N ARG B 344 18.55 4.63 25.77
CA ARG B 344 18.64 4.59 24.30
C ARG B 344 17.32 4.31 23.63
N THR B 345 16.24 4.00 24.37
CA THR B 345 14.97 3.59 23.74
C THR B 345 14.52 4.55 22.64
N PHE B 346 14.41 5.82 22.98
CA PHE B 346 13.97 6.83 22.01
C PHE B 346 15.12 7.64 21.45
N LYS B 347 16.36 7.15 21.58
CA LYS B 347 17.49 7.57 20.76
C LYS B 347 17.61 6.70 19.52
N ILE B 348 17.49 5.40 19.71
CA ILE B 348 17.53 4.46 18.57
C ILE B 348 16.23 4.48 17.78
N SER B 349 15.10 4.70 18.43
CA SER B 349 13.82 4.62 17.72
C SER B 349 12.94 5.83 18.01
N ARG B 350 12.03 6.09 17.05
CA ARG B 350 11.00 7.10 17.21
CA ARG B 350 11.02 7.13 17.17
C ARG B 350 9.78 6.63 16.44
N CYS B 351 8.63 7.21 16.77
CA CYS B 351 7.44 7.03 15.92
C CYS B 351 7.33 8.28 15.03
N TYR B 352 7.27 8.06 13.72
CA TYR B 352 7.20 9.13 12.74
C TYR B 352 5.98 8.95 11.84
N TYR B 353 5.35 10.07 11.50
CA TYR B 353 4.43 10.12 10.37
C TYR B 353 5.19 10.67 9.19
N ASP B 354 5.17 9.93 8.07
CA ASP B 354 6.07 10.17 6.95
C ASP B 354 5.34 10.68 5.71
N GLY B 355 4.10 11.14 5.88
CA GLY B 355 3.31 11.59 4.72
C GLY B 355 3.97 12.70 3.93
N LEU B 356 4.75 13.56 4.59
CA LEU B 356 5.48 14.65 3.94
C LEU B 356 6.99 14.36 3.75
N MET B 357 7.42 13.14 4.09
CA MET B 357 8.84 12.86 4.05
C MET B 357 9.35 12.89 2.62
N SER B 358 10.58 13.37 2.47
CA SER B 358 11.23 13.32 1.17
C SER B 358 11.29 11.89 0.63
N ALA B 359 11.29 11.79 -0.71
CA ALA B 359 11.42 10.49 -1.38
C ALA B 359 12.82 9.91 -1.26
N THR B 360 13.83 10.75 -1.02
CA THR B 360 15.22 10.32 -1.08
C THR B 360 16.02 10.60 0.18
N SER B 361 15.43 11.17 1.23
CA SER B 361 16.12 11.41 2.48
C SER B 361 15.09 11.47 3.58
N PRO B 362 15.49 11.29 4.85
CA PRO B 362 14.52 11.31 5.94
C PRO B 362 14.23 12.71 6.43
N ASP B 363 14.14 13.66 5.51
CA ASP B 363 13.70 15.02 5.84
C ASP B 363 12.18 15.11 5.89
N ASN B 364 11.69 16.00 6.75
CA ASN B 364 10.27 16.36 6.82
C ASN B 364 9.36 15.30 7.40
N ARG B 365 9.92 14.47 8.29
CA ARG B 365 9.12 13.55 9.06
C ARG B 365 8.51 14.24 10.26
N VAL B 366 7.34 13.76 10.68
CA VAL B 366 6.65 14.29 11.84
C VAL B 366 6.84 13.35 13.01
N ASP B 367 7.52 13.81 14.07
CA ASP B 367 7.79 12.97 15.23
C ASP B 367 6.59 12.99 16.16
N ILE B 368 5.90 11.84 16.28
CA ILE B 368 4.71 11.73 17.12
C ILE B 368 4.99 10.98 18.43
N THR B 369 6.27 10.68 18.73
CA THR B 369 6.61 9.84 19.89
C THR B 369 6.05 10.43 21.19
N GLN B 370 6.33 11.73 21.46
CA GLN B 370 5.89 12.34 22.70
C GLN B 370 4.36 12.45 22.77
N GLU B 371 3.72 12.72 21.63
CA GLU B 371 2.25 12.73 21.60
C GLU B 371 1.66 11.38 21.99
N MET B 372 2.29 10.29 21.51
CA MET B 372 1.76 8.97 21.81
C MET B 372 1.91 8.71 23.31
N ILE B 373 3.04 9.12 23.89
CA ILE B 373 3.28 8.92 25.32
C ILE B 373 2.24 9.70 26.13
N GLU B 374 2.00 10.96 25.74
CA GLU B 374 1.05 11.80 26.46
C GLU B 374 -0.37 11.25 26.35
N LYS B 375 -0.74 10.68 25.21
CA LYS B 375 -2.11 10.21 25.02
C LYS B 375 -2.27 8.76 25.46
N GLY B 376 -1.19 8.11 25.90
CA GLY B 376 -1.28 6.73 26.33
C GLY B 376 -1.42 5.75 25.19
N ILE B 377 -0.92 6.08 23.99
CA ILE B 377 -1.02 5.16 22.85
C ILE B 377 0.08 4.12 22.95
N ALA B 378 -0.28 2.83 22.83
CA ALA B 378 0.73 1.78 22.95
C ALA B 378 1.62 1.75 21.71
N PHE B 379 2.94 1.59 21.93
CA PHE B 379 3.82 1.26 20.81
C PHE B 379 3.56 -0.16 20.34
N SER B 380 3.68 -0.40 19.02
CA SER B 380 3.35 -1.71 18.47
C SER B 380 4.53 -2.23 17.62
N PRO B 381 5.66 -2.53 18.24
CA PRO B 381 6.81 -3.04 17.48
C PRO B 381 6.52 -4.45 16.95
N ARG B 382 7.31 -4.85 15.94
CA ARG B 382 6.95 -6.00 15.10
C ARG B 382 7.57 -7.28 15.69
N ASP B 383 6.72 -8.23 16.04
CA ASP B 383 7.24 -9.54 16.47
C ASP B 383 7.99 -10.20 15.32
N PRO B 384 8.97 -11.10 15.66
CA PRO B 384 9.69 -11.84 14.62
C PRO B 384 8.69 -12.54 13.69
N GLY B 385 8.81 -12.27 12.42
CA GLY B 385 7.93 -12.86 11.42
C GLY B 385 6.85 -11.91 10.94
N ALA B 386 6.60 -10.80 11.67
CA ALA B 386 5.53 -9.87 11.32
C ALA B 386 5.97 -8.86 10.25
N TYR B 387 5.02 -8.50 9.38
CA TYR B 387 5.20 -7.34 8.53
C TYR B 387 4.60 -6.11 9.20
N SER B 388 4.95 -4.93 8.68
CA SER B 388 4.32 -3.71 9.19
C SER B 388 2.81 -3.77 9.05
N TRP B 389 2.29 -4.48 8.06
CA TRP B 389 0.85 -4.56 7.86
C TRP B 389 0.18 -5.83 8.39
N GLU B 390 0.93 -6.71 9.09
CA GLU B 390 0.43 -8.02 9.53
C GLU B 390 1.20 -8.40 10.80
N PRO B 391 0.63 -8.17 11.98
CA PRO B 391 -0.74 -7.71 12.20
C PRO B 391 -0.94 -6.21 12.01
N TRP B 392 -2.09 -5.84 11.45
CA TRP B 392 -2.39 -4.43 11.28
C TRP B 392 -2.61 -3.78 12.65
N PRO B 393 -1.93 -2.69 12.95
CA PRO B 393 -1.96 -2.17 14.33
C PRO B 393 -3.14 -1.27 14.64
N THR B 394 -3.40 -1.14 15.95
CA THR B 394 -4.33 -0.16 16.48
C THR B 394 -3.66 1.22 16.58
N GLY B 395 -4.22 2.19 15.86
CA GLY B 395 -3.71 3.54 15.78
C GLY B 395 -4.51 4.51 16.63
N TYR B 396 -4.59 5.75 16.17
CA TYR B 396 -5.19 6.84 16.93
C TYR B 396 -5.19 8.06 16.04
N ASP B 397 -5.87 9.12 16.49
CA ASP B 397 -5.97 10.37 15.75
C ASP B 397 -5.00 11.37 16.36
N SER B 398 -4.07 11.84 15.55
CA SER B 398 -3.00 12.72 16.00
C SER B 398 -3.39 14.19 15.94
N ASP B 399 -3.27 14.88 17.09
CA ASP B 399 -3.53 16.32 17.11
C ASP B 399 -2.46 17.06 16.33
N ILE B 400 -1.21 16.62 16.46
CA ILE B 400 -0.11 17.24 15.73
C ILE B 400 -0.40 17.20 14.22
N CYS B 401 -0.80 16.04 13.72
CA CYS B 401 -1.04 15.90 12.28
C CYS B 401 -2.30 16.64 11.85
N ALA B 402 -3.37 16.61 12.66
CA ALA B 402 -4.56 17.42 12.34
C ALA B 402 -4.21 18.89 12.19
N GLU B 403 -3.43 19.40 13.14
CA GLU B 403 -2.98 20.78 13.02
C GLU B 403 -2.18 21.01 11.75
N LEU B 404 -1.26 20.10 11.43
CA LEU B 404 -0.46 20.28 10.23
C LEU B 404 -1.28 20.24 8.96
N ALA B 405 -2.41 19.52 8.98
CA ALA B 405 -3.20 19.33 7.78
C ALA B 405 -3.86 20.63 7.33
N VAL B 406 -3.99 21.58 8.26
CA VAL B 406 -4.59 22.88 7.94
C VAL B 406 -3.86 23.54 6.79
N ASN B 407 -2.54 23.61 6.88
CA ASN B 407 -1.73 24.22 5.82
C ASN B 407 -1.07 23.22 4.88
N ASN B 408 -1.17 21.93 5.17
CA ASN B 408 -0.58 20.88 4.35
C ASN B 408 -1.66 19.85 4.12
N PRO B 409 -2.56 20.07 3.16
CA PRO B 409 -3.79 19.27 3.12
C PRO B 409 -3.59 17.82 2.69
N SER B 410 -2.40 17.44 2.20
CA SER B 410 -2.15 16.01 1.99
C SER B 410 -1.97 15.21 3.28
N VAL B 411 -1.88 15.85 4.42
CA VAL B 411 -1.61 15.12 5.66
C VAL B 411 -2.91 14.54 6.18
N THR B 412 -2.88 13.31 6.65
CA THR B 412 -3.99 12.77 7.40
C THR B 412 -3.68 12.74 8.89
N ALA B 413 -4.72 12.84 9.70
CA ALA B 413 -4.58 12.79 11.15
C ALA B 413 -4.69 11.39 11.71
N THR B 414 -5.14 10.44 10.91
CA THR B 414 -5.38 9.09 11.38
C THR B 414 -4.08 8.31 11.25
N MET B 415 -3.50 7.95 12.39
CA MET B 415 -2.28 7.18 12.45
C MET B 415 -2.64 5.71 12.47
N ALA B 416 -1.88 4.89 11.73
CA ALA B 416 -2.01 3.43 11.83
C ALA B 416 -0.64 2.78 12.05
N ARG B 417 0.11 2.52 10.98
CA ARG B 417 1.41 1.87 11.18
C ARG B 417 2.43 2.82 11.81
N GLU B 418 2.12 4.12 11.87
CA GLU B 418 2.99 5.05 12.56
C GLU B 418 3.17 4.73 14.04
N VAL B 419 2.31 3.90 14.65
CA VAL B 419 2.51 3.52 16.05
C VAL B 419 3.57 2.48 16.22
N GLU B 420 4.14 1.98 15.12
CA GLU B 420 5.17 0.96 15.19
C GLU B 420 6.51 1.69 15.19
N PRO B 421 7.34 1.56 16.24
CA PRO B 421 8.61 2.31 16.28
C PRO B 421 9.49 2.06 15.08
N LYS B 422 10.08 3.14 14.57
CA LYS B 422 10.97 3.15 13.42
C LYS B 422 12.38 3.55 13.87
N LEU B 423 13.36 3.14 13.07
CA LEU B 423 14.74 3.56 13.30
C LEU B 423 14.88 5.08 13.16
N ALA B 424 15.48 5.68 14.17
CA ALA B 424 15.60 7.15 14.21
C ALA B 424 16.48 7.68 13.09
N ASN B 425 16.23 8.96 12.72
CA ASN B 425 16.91 9.58 11.59
C ASN B 425 18.43 9.58 11.72
N ASN B 426 18.95 9.56 12.96
CA ASN B 426 20.39 9.61 13.18
C ASN B 426 21.12 8.42 12.57
N PHE B 427 20.40 7.34 12.29
CA PHE B 427 20.95 6.08 11.79
C PHE B 427 20.68 5.91 10.30
N LEU B 428 20.22 6.97 9.62
CA LEU B 428 19.78 6.91 8.23
C LEU B 428 20.60 7.87 7.39
N LYS B 429 21.86 8.06 7.72
CA LYS B 429 22.67 9.09 7.09
C LYS B 429 23.83 8.50 6.30
N SER B 430 24.05 9.06 5.09
CA SER B 430 25.16 8.64 4.24
C SER B 430 26.52 8.73 4.96
N ASP B 431 26.69 9.69 5.87
CA ASP B 431 27.94 9.85 6.58
C ASP B 431 28.01 9.09 7.92
N ASN B 432 27.05 8.21 8.21
CA ASN B 432 27.23 7.34 9.37
C ASN B 432 28.55 6.57 9.21
N PRO B 433 29.28 6.33 10.31
CA PRO B 433 30.56 5.63 10.22
C PRO B 433 30.36 4.14 9.93
N GLY B 434 31.41 3.53 9.37
CA GLY B 434 31.42 2.08 9.20
C GLY B 434 32.08 1.47 10.44
N VAL B 435 31.32 0.77 11.29
CA VAL B 435 31.84 0.37 12.58
C VAL B 435 32.67 -0.89 12.42
N VAL B 436 33.92 -0.81 12.86
CA VAL B 436 34.77 -2.02 12.85
C VAL B 436 34.88 -2.59 14.25
N MET B 437 35.35 -1.77 15.20
CA MET B 437 35.42 -2.22 16.58
C MET B 437 35.53 -1.04 17.52
N THR B 438 34.83 -1.11 18.66
CA THR B 438 34.74 -0.03 19.63
C THR B 438 35.39 -0.38 20.96
N SER B 439 35.71 0.68 21.73
CA SER B 439 36.20 0.49 23.09
C SER B 439 35.11 -0.10 24.00
N ALA B 440 33.83 0.18 23.68
CA ALA B 440 32.76 -0.42 24.47
C ALA B 440 32.80 -1.94 24.36
N GLU B 441 33.01 -2.46 23.13
CA GLU B 441 33.09 -3.91 22.97
C GLU B 441 34.28 -4.48 23.75
N VAL B 442 35.43 -3.78 23.71
CA VAL B 442 36.59 -4.26 24.49
C VAL B 442 36.22 -4.35 25.96
N LYS B 443 35.49 -3.35 26.50
CA LYS B 443 35.10 -3.45 27.92
C LYS B 443 34.20 -4.67 28.16
N PHE B 444 33.26 -4.94 27.25
CA PHE B 444 32.39 -6.11 27.46
C PHE B 444 33.17 -7.42 27.34
N LEU B 445 34.13 -7.46 26.40
CA LEU B 445 35.01 -8.65 26.28
C LEU B 445 35.83 -8.84 27.56
N MET B 446 36.42 -7.75 28.07
CA MET B 446 37.15 -7.82 29.33
CA MET B 446 37.15 -7.79 29.34
C MET B 446 36.25 -8.25 30.48
N ALA B 447 35.00 -7.75 30.54
CA ALA B 447 34.09 -8.14 31.63
C ALA B 447 33.79 -9.63 31.58
N GLU B 448 33.55 -10.16 30.37
CA GLU B 448 33.24 -11.58 30.25
C GLU B 448 34.47 -12.42 30.59
N ALA B 449 35.65 -12.00 30.13
CA ALA B 449 36.88 -12.72 30.46
C ALA B 449 37.09 -12.72 31.98
N THR B 450 36.72 -11.61 32.64
CA THR B 450 36.86 -11.56 34.10
C THR B 450 35.88 -12.51 34.79
N VAL B 451 34.63 -12.55 34.34
CA VAL B 451 33.68 -13.54 34.85
C VAL B 451 34.23 -14.95 34.64
N LYS B 452 34.92 -15.17 33.52
CA LYS B 452 35.46 -16.50 33.19
C LYS B 452 36.77 -16.81 33.91
N LYS B 453 37.19 -15.91 34.81
CA LYS B 453 38.35 -16.07 35.69
C LYS B 453 39.68 -16.00 34.96
N TRP B 454 39.71 -15.38 33.78
CA TRP B 454 40.98 -15.18 33.10
C TRP B 454 41.78 -14.07 33.77
N ASN B 455 43.07 -14.04 33.46
CA ASN B 455 43.96 -13.13 34.17
C ASN B 455 44.04 -11.86 33.36
N VAL B 456 43.09 -10.96 33.59
CA VAL B 456 42.99 -9.80 32.72
C VAL B 456 43.25 -8.46 33.40
N GLY B 457 43.45 -8.40 34.69
CA GLY B 457 43.88 -7.16 35.30
C GLY B 457 43.20 -6.95 36.63
N SER B 458 43.20 -5.70 37.08
CA SER B 458 42.77 -5.41 38.43
C SER B 458 41.35 -4.86 38.51
N VAL B 459 40.68 -4.62 37.38
CA VAL B 459 39.36 -3.99 37.44
C VAL B 459 38.29 -5.07 37.67
N SER B 460 37.29 -4.76 38.48
CA SER B 460 36.27 -5.77 38.71
C SER B 460 35.48 -6.03 37.43
N ALA B 461 34.87 -7.20 37.33
CA ALA B 461 34.00 -7.42 36.16
C ALA B 461 32.86 -6.41 36.12
N GLU B 462 32.25 -6.12 37.29
CA GLU B 462 31.15 -5.18 37.35
C GLU B 462 31.56 -3.80 36.84
N ASP B 463 32.74 -3.33 37.22
CA ASP B 463 33.19 -2.02 36.75
C ASP B 463 33.43 -2.03 35.25
N LEU B 464 34.06 -3.10 34.74
CA LEU B 464 34.26 -3.22 33.30
C LEU B 464 32.91 -3.21 32.59
N TYR B 465 31.91 -3.93 33.14
CA TYR B 465 30.58 -3.95 32.54
C TYR B 465 29.96 -2.56 32.51
N LYS B 466 30.00 -1.88 33.66
CA LYS B 466 29.43 -0.54 33.74
C LYS B 466 30.12 0.41 32.79
N GLN B 467 31.45 0.28 32.67
CA GLN B 467 32.19 1.12 31.72
C GLN B 467 31.76 0.81 30.29
N GLY B 468 31.51 -0.47 29.98
CA GLY B 468 31.08 -0.81 28.62
C GLY B 468 29.71 -0.26 28.30
N VAL B 469 28.78 -0.31 29.28
CA VAL B 469 27.44 0.22 29.03
C VAL B 469 27.50 1.73 28.81
N ARG B 470 28.26 2.43 29.69
CA ARG B 470 28.39 3.88 29.52
CA ARG B 470 28.35 3.88 29.50
C ARG B 470 29.01 4.21 28.17
N ALA B 471 30.05 3.46 27.78
CA ALA B 471 30.70 3.76 26.50
C ALA B 471 29.75 3.45 25.33
N ALA B 472 28.94 2.40 25.44
CA ALA B 472 27.99 2.07 24.38
C ALA B 472 26.94 3.18 24.21
N ILE B 473 26.47 3.73 25.35
CA ILE B 473 25.50 4.82 25.31
C ILE B 473 26.16 6.08 24.74
N ASP B 474 27.36 6.41 25.22
CA ASP B 474 28.07 7.60 24.74
C ASP B 474 28.46 7.48 23.26
N PHE B 475 28.72 6.24 22.79
CA PHE B 475 29.02 5.99 21.37
C PHE B 475 27.93 6.56 20.45
N LEU B 476 26.67 6.46 20.86
CA LEU B 476 25.60 6.97 19.99
C LEU B 476 25.61 8.51 19.97
N THR B 477 25.90 9.13 21.10
CA THR B 477 26.02 10.59 21.11
C THR B 477 27.19 11.05 20.26
N ASP B 478 28.36 10.41 20.46
CA ASP B 478 29.61 10.88 19.83
C ASP B 478 29.57 10.67 18.32
N ASN B 479 28.94 9.59 17.83
CA ASN B 479 29.07 9.23 16.43
C ASN B 479 27.81 9.34 15.61
N TYR B 480 26.65 9.48 16.25
CA TYR B 480 25.38 9.63 15.56
C TYR B 480 24.62 10.88 15.96
N GLY B 481 25.13 11.67 16.93
CA GLY B 481 24.43 12.90 17.32
C GLY B 481 23.21 12.69 18.17
N CYS B 482 23.06 11.53 18.82
CA CYS B 482 21.92 11.34 19.67
C CYS B 482 22.11 12.21 20.90
N THR B 483 21.00 12.61 21.52
CA THR B 483 21.08 13.48 22.69
CA THR B 483 21.05 13.45 22.71
C THR B 483 21.89 12.81 23.79
N ALA B 484 22.77 13.60 24.42
CA ALA B 484 23.63 13.08 25.49
C ALA B 484 22.80 12.53 26.65
N THR B 485 23.34 11.51 27.33
CA THR B 485 22.69 10.91 28.50
C THR B 485 23.39 11.45 29.75
N THR B 486 22.60 11.96 30.71
CA THR B 486 23.16 12.54 31.93
C THR B 486 23.65 11.41 32.86
N ASP B 487 24.53 11.79 33.79
CA ASP B 487 24.97 10.87 34.82
C ASP B 487 23.79 10.33 35.61
N ALA B 488 22.82 11.20 35.96
CA ALA B 488 21.64 10.75 36.70
C ALA B 488 20.86 9.73 35.90
N GLU B 489 20.71 9.93 34.58
CA GLU B 489 19.97 8.98 33.75
C GLU B 489 20.71 7.65 33.64
N PHE B 490 22.04 7.71 33.47
CA PHE B 490 22.81 6.49 33.43
C PHE B 490 22.68 5.74 34.75
N ASP B 491 22.86 6.47 35.88
CA ASP B 491 22.80 5.84 37.19
C ASP B 491 21.45 5.19 37.44
N ALA B 492 20.35 5.87 37.07
CA ALA B 492 19.01 5.31 37.28
C ALA B 492 18.88 3.99 36.53
N PHE B 493 19.45 3.92 35.33
CA PHE B 493 19.30 2.72 34.53
C PHE B 493 20.19 1.61 35.08
N ILE B 494 21.46 1.92 35.34
CA ILE B 494 22.42 0.89 35.75
C ILE B 494 22.07 0.36 37.14
N GLN B 495 21.37 1.18 37.93
CA GLN B 495 20.97 0.74 39.26
C GLN B 495 19.65 -0.02 39.28
N ASP B 496 18.95 -0.13 38.15
CA ASP B 496 17.71 -0.85 38.08
C ASP B 496 17.88 -1.97 37.07
N LYS B 497 17.22 -1.87 35.93
CA LYS B 497 17.21 -3.03 35.05
C LYS B 497 18.47 -3.17 34.21
N GLY B 498 19.38 -2.18 34.22
CA GLY B 498 20.65 -2.36 33.58
C GLY B 498 21.72 -2.96 34.48
N ALA B 499 21.37 -3.38 35.70
CA ALA B 499 22.38 -3.81 36.65
C ALA B 499 23.08 -5.08 36.15
N PHE B 500 24.28 -5.32 36.68
CA PHE B 500 25.12 -6.43 36.22
C PHE B 500 24.57 -7.79 36.63
N GLY B 501 24.03 -7.91 37.83
CA GLY B 501 23.59 -9.22 38.29
C GLY B 501 24.50 -9.80 39.36
N HIS B 502 24.06 -10.96 39.89
CA HIS B 502 24.69 -11.47 41.09
C HIS B 502 25.17 -12.91 40.97
N THR B 503 24.89 -13.56 39.84
CA THR B 503 25.30 -14.94 39.53
CA THR B 503 25.40 -14.89 39.59
C THR B 503 26.06 -14.89 38.21
N ASP B 504 26.89 -15.87 37.92
CA ASP B 504 27.67 -15.86 36.65
C ASP B 504 26.75 -15.81 35.42
N ASN B 505 25.68 -16.61 35.44
CA ASN B 505 24.79 -16.68 34.25
C ASN B 505 24.11 -15.31 34.04
N GLN B 506 23.70 -14.66 35.12
CA GLN B 506 23.06 -13.33 35.03
C GLN B 506 24.08 -12.32 34.47
N LYS B 507 25.33 -12.44 34.88
CA LYS B 507 26.38 -11.50 34.44
C LYS B 507 26.66 -11.70 32.95
N LEU B 508 26.81 -12.95 32.53
CA LEU B 508 27.09 -13.22 31.12
C LEU B 508 25.88 -12.78 30.28
N GLU B 509 24.66 -12.99 30.83
CA GLU B 509 23.46 -12.53 30.13
CA GLU B 509 23.47 -12.53 30.13
C GLU B 509 23.48 -11.02 29.97
N ALA B 510 23.77 -10.30 31.05
CA ALA B 510 23.79 -8.83 30.97
C ALA B 510 24.89 -8.36 30.03
N ILE B 511 26.09 -8.92 30.12
CA ILE B 511 27.18 -8.47 29.26
C ILE B 511 26.79 -8.62 27.79
N ASN B 512 26.30 -9.80 27.42
CA ASN B 512 26.05 -10.06 26.03
C ASN B 512 24.73 -9.45 25.52
N THR B 513 23.77 -9.21 26.41
CA THR B 513 22.59 -8.43 25.98
C THR B 513 22.98 -6.98 25.72
N GLN B 514 23.86 -6.45 26.58
CA GLN B 514 24.32 -5.09 26.34
C GLN B 514 25.18 -5.02 25.06
N ALA B 515 26.00 -6.04 24.81
CA ALA B 515 26.78 -6.09 23.59
C ALA B 515 25.87 -6.11 22.35
N TRP B 516 24.78 -6.87 22.43
CA TRP B 516 23.83 -6.94 21.30
C TRP B 516 23.31 -5.54 20.96
N ILE B 517 22.95 -4.75 21.98
CA ILE B 517 22.49 -3.39 21.71
C ILE B 517 23.60 -2.56 21.08
N LEU B 518 24.81 -2.62 21.69
CA LEU B 518 25.97 -1.92 21.11
C LEU B 518 26.17 -2.26 19.63
N HIS B 519 26.00 -3.56 19.26
CA HIS B 519 26.29 -4.01 17.90
C HIS B 519 25.19 -3.71 16.89
N PHE B 520 24.14 -2.96 17.28
CA PHE B 520 23.07 -2.62 16.33
C PHE B 520 23.63 -2.06 15.02
N THR B 521 24.66 -1.19 15.08
CA THR B 521 25.25 -0.63 13.86
C THR B 521 26.43 -1.45 13.32
N ASN B 522 26.57 -2.71 13.74
CA ASN B 522 27.62 -3.59 13.26
C ASN B 522 26.97 -4.97 13.12
N PRO B 523 26.09 -5.14 12.12
CA PRO B 523 25.27 -6.36 12.08
C PRO B 523 26.09 -7.64 11.96
N ALA B 524 27.26 -7.61 11.29
CA ALA B 524 28.06 -8.83 11.18
C ALA B 524 28.49 -9.27 12.57
N GLU B 525 28.98 -8.31 13.38
CA GLU B 525 29.42 -8.70 14.73
C GLU B 525 28.21 -9.03 15.62
N CYS B 526 27.11 -8.29 15.44
CA CYS B 526 25.93 -8.55 16.26
C CYS B 526 25.49 -10.00 16.08
N TRP B 527 25.37 -10.46 14.83
CA TRP B 527 24.93 -11.84 14.61
C TRP B 527 25.95 -12.85 15.11
N ALA B 528 27.24 -12.57 14.88
CA ALA B 528 28.23 -13.54 15.38
C ALA B 528 28.17 -13.67 16.90
N ASN B 529 28.06 -12.53 17.60
CA ASN B 529 28.09 -12.62 19.06
C ASN B 529 26.80 -13.21 19.63
N VAL B 530 25.65 -13.00 18.97
CA VAL B 530 24.41 -13.66 19.43
C VAL B 530 24.58 -15.17 19.31
N ARG B 531 25.08 -15.61 18.15
CA ARG B 531 25.26 -17.06 17.96
C ARG B 531 26.25 -17.63 18.95
N ARG B 532 27.36 -16.92 19.17
CA ARG B 532 28.42 -17.47 20.02
C ARG B 532 27.97 -17.52 21.47
N SER B 533 27.46 -16.37 21.99
CA SER B 533 27.20 -16.27 23.43
C SER B 533 25.88 -16.90 23.82
N GLY B 534 24.96 -17.03 22.88
CA GLY B 534 23.63 -17.50 23.17
C GLY B 534 22.73 -16.46 23.81
N TYR B 535 23.15 -15.18 23.82
CA TYR B 535 22.34 -14.12 24.38
C TYR B 535 22.19 -13.00 23.38
N PRO B 536 21.03 -12.33 23.36
CA PRO B 536 19.83 -12.69 24.09
C PRO B 536 19.29 -14.03 23.60
N LYS B 537 18.47 -14.66 24.43
CA LYS B 537 17.88 -15.93 24.03
C LYS B 537 16.71 -15.64 23.10
N LEU B 538 16.91 -15.81 21.81
CA LEU B 538 15.90 -15.43 20.81
C LEU B 538 15.02 -16.66 20.49
N LYS B 539 13.73 -16.41 20.28
CA LYS B 539 12.78 -17.46 19.92
C LYS B 539 12.47 -17.41 18.43
N SER B 540 12.25 -18.57 17.82
CA SER B 540 11.86 -18.60 16.41
C SER B 540 10.60 -17.80 16.14
N PRO B 541 10.47 -17.22 14.92
CA PRO B 541 9.18 -16.64 14.50
C PRO B 541 7.99 -17.61 14.68
N ALA B 542 8.25 -18.91 14.66
CA ALA B 542 7.18 -19.87 14.92
C ALA B 542 6.54 -19.64 16.29
N GLU B 543 7.32 -19.24 17.30
CA GLU B 543 6.78 -18.99 18.63
C GLU B 543 5.89 -17.75 18.67
N TYR B 544 5.95 -16.91 17.65
CA TYR B 544 5.15 -15.70 17.57
C TYR B 544 3.96 -15.88 16.65
N GLY B 545 3.73 -17.09 16.16
CA GLY B 545 2.58 -17.36 15.30
C GLY B 545 2.82 -17.39 13.81
N PHE B 546 4.07 -17.27 13.34
CA PHE B 546 4.36 -17.14 11.92
C PHE B 546 4.93 -18.43 11.33
N GLY B 547 4.78 -19.58 12.02
CA GLY B 547 5.33 -20.83 11.53
C GLY B 547 4.89 -21.26 10.13
N GLN B 548 3.68 -20.88 9.71
CA GLN B 548 3.18 -21.25 8.39
C GLN B 548 4.02 -20.66 7.27
N TYR B 549 4.84 -19.63 7.57
CA TYR B 549 5.59 -18.99 6.51
C TYR B 549 7.03 -19.44 6.45
N LEU B 550 7.45 -20.35 7.34
CA LEU B 550 8.89 -20.65 7.50
C LEU B 550 9.33 -21.75 6.51
N THR B 551 9.38 -21.36 5.23
CA THR B 551 9.75 -22.33 4.17
C THR B 551 11.12 -22.95 4.41
N GLY B 552 12.06 -22.17 4.93
CA GLY B 552 13.39 -22.72 5.15
C GLY B 552 13.65 -23.36 6.50
N GLY B 553 12.61 -23.67 7.27
CA GLY B 553 12.69 -24.40 8.51
C GLY B 553 12.39 -23.50 9.70
N THR B 554 12.15 -24.14 10.85
CA THR B 554 11.67 -23.43 12.06
C THR B 554 12.77 -22.67 12.79
N GLU B 555 13.96 -23.23 12.90
CA GLU B 555 14.97 -22.63 13.76
C GLU B 555 15.64 -21.47 13.02
N ILE B 556 16.01 -20.45 13.79
CA ILE B 556 16.73 -19.33 13.18
C ILE B 556 18.04 -19.82 12.59
N PRO B 557 18.29 -19.58 11.29
CA PRO B 557 19.56 -19.98 10.67
C PRO B 557 20.79 -19.51 11.44
N VAL B 558 21.82 -20.35 11.43
CA VAL B 558 23.07 -20.08 12.12
C VAL B 558 24.24 -19.87 11.19
N ARG B 559 24.03 -20.00 9.87
CA ARG B 559 25.06 -19.66 8.87
C ARG B 559 24.30 -19.39 7.58
N LEU B 560 25.02 -18.92 6.55
CA LEU B 560 24.46 -18.86 5.22
C LEU B 560 25.15 -19.87 4.32
N CYS B 561 24.46 -20.24 3.21
CA CYS B 561 24.98 -21.25 2.29
C CYS B 561 25.93 -20.63 1.25
N TYR B 562 26.81 -21.48 0.72
CA TYR B 562 27.74 -21.05 -0.31
C TYR B 562 26.98 -20.74 -1.61
N PRO B 563 27.47 -19.78 -2.41
CA PRO B 563 26.85 -19.54 -3.73
C PRO B 563 26.88 -20.80 -4.57
N VAL B 564 25.75 -21.11 -5.23
CA VAL B 564 25.68 -22.38 -5.96
C VAL B 564 26.68 -22.44 -7.10
N LEU B 565 27.00 -21.32 -7.73
CA LEU B 565 27.97 -21.34 -8.82
C LEU B 565 29.33 -21.89 -8.39
N GLU B 566 29.61 -21.98 -7.08
CA GLU B 566 30.89 -22.54 -6.65
C GLU B 566 31.06 -23.98 -7.10
N SER B 567 29.95 -24.71 -7.24
CA SER B 567 30.00 -26.08 -7.73
C SER B 567 30.47 -26.13 -9.17
N SER B 568 30.37 -25.01 -9.89
CA SER B 568 30.87 -24.90 -11.26
C SER B 568 32.26 -24.28 -11.32
N TYR B 569 32.51 -23.22 -10.57
CA TYR B 569 33.79 -22.53 -10.63
C TYR B 569 34.86 -23.17 -9.75
N ASN B 570 34.48 -24.02 -8.80
CA ASN B 570 35.45 -24.51 -7.82
C ASN B 570 34.94 -25.82 -7.24
N LYS B 571 34.55 -26.74 -8.13
CA LYS B 571 33.77 -27.92 -7.77
C LYS B 571 34.41 -28.77 -6.68
N LYS B 572 35.70 -29.13 -6.84
CA LYS B 572 36.31 -30.06 -5.90
C LYS B 572 36.37 -29.46 -4.51
N SER B 573 36.83 -28.21 -4.41
CA SER B 573 36.96 -27.54 -3.12
C SER B 573 35.60 -27.35 -2.46
N TYR B 574 34.58 -26.99 -3.26
CA TYR B 574 33.23 -26.82 -2.74
C TYR B 574 32.68 -28.14 -2.22
N ASN B 575 32.79 -29.20 -3.04
CA ASN B 575 32.32 -30.50 -2.61
C ASN B 575 33.02 -30.95 -1.34
N GLU B 576 34.32 -30.70 -1.23
CA GLU B 576 35.06 -31.06 -0.04
C GLU B 576 34.51 -30.36 1.21
N ALA B 577 34.29 -29.03 1.12
CA ALA B 577 33.70 -28.31 2.25
C ALA B 577 32.33 -28.86 2.62
N ILE B 578 31.51 -29.21 1.62
CA ILE B 578 30.18 -29.67 1.94
C ILE B 578 30.22 -31.07 2.56
N GLU B 579 31.16 -31.89 2.10
CA GLU B 579 31.29 -33.22 2.72
C GLU B 579 31.64 -33.12 4.20
N ARG B 580 32.46 -32.13 4.56
CA ARG B 580 32.85 -31.89 5.95
C ARG B 580 31.67 -31.53 6.83
N MET B 581 30.60 -31.01 6.24
CA MET B 581 29.40 -30.68 7.00
C MET B 581 28.43 -31.84 7.03
N GLY B 582 28.79 -32.98 6.45
CA GLY B 582 27.89 -34.10 6.36
C GLY B 582 27.24 -34.31 5.02
N GLY B 583 27.61 -33.53 4.01
CA GLY B 583 27.18 -33.81 2.65
C GLY B 583 26.13 -32.88 2.11
N THR B 584 25.64 -31.92 2.90
CA THR B 584 24.73 -30.91 2.35
C THR B 584 25.17 -29.54 2.84
N ASP B 585 24.64 -28.52 2.18
CA ASP B 585 24.96 -27.12 2.47
C ASP B 585 23.68 -26.59 3.08
N ASN B 586 23.64 -26.53 4.42
CA ASN B 586 22.39 -26.31 5.14
C ASN B 586 22.61 -25.12 6.08
N TRP B 587 21.68 -24.16 6.05
CA TRP B 587 21.87 -22.96 6.89
C TRP B 587 21.55 -23.21 8.37
N HIS B 588 21.12 -24.43 8.74
CA HIS B 588 20.96 -24.83 10.12
C HIS B 588 22.19 -25.52 10.70
N SER B 589 23.24 -25.73 9.91
CA SER B 589 24.45 -26.37 10.42
CA SER B 589 24.45 -26.38 10.40
C SER B 589 25.30 -25.37 11.18
N LEU B 590 25.66 -25.71 12.41
CA LEU B 590 26.43 -24.81 13.27
C LEU B 590 27.85 -24.64 12.73
N LEU B 591 28.35 -23.38 12.75
CA LEU B 591 29.76 -23.15 12.46
C LEU B 591 30.64 -23.78 13.54
N TRP B 592 31.92 -23.94 13.20
CA TRP B 592 32.86 -24.61 14.10
C TRP B 592 32.90 -23.98 15.48
N TRP B 593 32.88 -22.65 15.57
CA TRP B 593 32.95 -22.03 16.90
C TRP B 593 31.60 -21.96 17.62
N ASP B 594 30.50 -22.34 16.94
CA ASP B 594 29.16 -22.19 17.52
C ASP B 594 28.71 -23.51 18.17
N THR B 595 28.71 -23.60 19.51
CA THR B 595 28.55 -24.92 20.12
C THR B 595 27.11 -25.43 20.22
N GLU B 596 26.15 -24.53 20.37
CA GLU B 596 24.73 -24.85 20.33
C GLU B 596 24.02 -23.59 19.81
N ASN B 597 22.70 -23.69 19.60
CA ASN B 597 21.90 -22.55 19.07
C ASN B 597 20.67 -22.22 19.95
N GLN B 598 19.99 -21.13 19.57
CA GLN B 598 18.74 -20.67 20.23
C GLN B 598 17.62 -20.12 19.29
#